data_8OYE
#
_entry.id   8OYE
#
_cell.length_a   50.486
_cell.length_b   111.599
_cell.length_c   108.916
_cell.angle_alpha   90.000
_cell.angle_beta   90.000
_cell.angle_gamma   90.000
#
_symmetry.space_group_name_H-M   'P 21 21 21'
#
loop_
_entity.id
_entity.type
_entity.pdbx_description
1 polymer Chitodextrinase
2 branched 2-acetamido-2-deoxy-beta-D-glucopyranose-(1-4)-2-acetamido-2-deoxy-beta-D-glucopyranose-(1-4)-2-acetamido-2-deoxy-beta-D-glucopyranose-(1-4)-2-acetamido-2-deoxy-beta-D-glucopyranose-(1-4)-2-acetamido-2-deoxy-beta-D-glucopyranose
3 non-polymer 'DIMETHYL SULFOXIDE'
4 water water
#
_entity_poly.entity_id   1
_entity_poly.type   'polypeptide(L)'
_entity_poly.pdbx_seq_one_letter_code
;MGSSELNRKLVGYFPEWAYSSEAQGYFNVTDLQWDSLTHIQYSFAMVDPSTNKITLSNKHAAIEEDFSEFDLNYNGKKIE
LDPSLPYKGHFNVLQTMKKNYPDVSLLISVGGWTGTRCFYTMIDTDNRINTFADSCVDFIRKYGFDGVDIDFQYPSSTSQ
SGNPDDFDLSEPRRTKLNERYNILIKTLREKIDMASKEDGKEYLLTAAVTASPWVLGGISDNTYAKYLDFLSIMSYDYHG
GWNEYVEHLAGIYPNKEDRETVTQIMPTLCMDWAYRYYRGVLPAEKILMGIPYYTRGWENVQGGINGLHGSSKTPASGKY
NILGDDLNNDGVLEPAGANPLWHVLNLMEQDPNLKVYWDEISKVPYVWQNDKKVFVSFENEKSIDARLEYIQNKNLGGAL
IWVMNGDYGLNPNYVEGSNKINEGKYTFGDTLTKRLSQGLKKMGVCNKTPDDLNISLEPINVDVKFNGKYDHPNYTYSID
ITNYTDKEIKGGWNVSFDLPKSAVFKSSWGGTYSVTDNGDFNTITLTSGAWQNIAPNSTITVQGMIGLCFSGIRNVTFNG
MNPIGNDKSHHHHHH
;
_entity_poly.pdbx_strand_id   A
#
loop_
_chem_comp.id
_chem_comp.type
_chem_comp.name
_chem_comp.formula
DMS non-polymer 'DIMETHYL SULFOXIDE' 'C2 H6 O S'
NAG D-saccharide, beta linking 2-acetamido-2-deoxy-beta-D-glucopyranose 'C8 H15 N O6'
#
# COMPACT_ATOMS: atom_id res chain seq x y z
N SER A 4 4.31 1.39 -21.09
CA SER A 4 5.64 1.94 -20.83
C SER A 4 5.77 2.35 -19.36
N GLU A 5 7.01 2.44 -18.88
CA GLU A 5 7.24 2.50 -17.43
C GLU A 5 6.66 3.77 -16.80
N LEU A 6 6.76 4.90 -17.50
CA LEU A 6 6.35 6.18 -16.92
C LEU A 6 4.87 6.47 -17.09
N ASN A 7 4.12 5.57 -17.72
CA ASN A 7 2.69 5.78 -17.85
C ASN A 7 2.03 5.74 -16.47
N ARG A 8 1.03 6.59 -16.28
CA ARG A 8 0.27 6.56 -15.04
C ARG A 8 -0.47 5.23 -14.92
N LYS A 9 -0.60 4.76 -13.70
CA LYS A 9 -1.21 3.47 -13.42
C LYS A 9 -2.46 3.68 -12.57
N LEU A 10 -3.52 2.93 -12.88
CA LEU A 10 -4.73 2.90 -12.07
C LEU A 10 -5.03 1.43 -11.80
N VAL A 11 -4.71 0.99 -10.59
CA VAL A 11 -4.68 -0.43 -10.24
C VAL A 11 -5.86 -0.72 -9.33
N GLY A 12 -6.67 -1.71 -9.70
CA GLY A 12 -7.85 -2.01 -8.89
C GLY A 12 -7.86 -3.43 -8.36
N TYR A 13 -8.16 -3.61 -7.09
N TYR A 13 -8.17 -3.58 -7.08
CA TYR A 13 -8.25 -4.94 -6.49
CA TYR A 13 -8.34 -4.89 -6.48
C TYR A 13 -9.65 -5.52 -6.69
C TYR A 13 -9.70 -5.46 -6.85
N PHE A 14 -9.70 -6.73 -7.29
CA PHE A 14 -10.95 -7.43 -7.53
C PHE A 14 -11.21 -8.42 -6.41
N PRO A 15 -12.35 -8.35 -5.74
CA PRO A 15 -12.64 -9.29 -4.64
C PRO A 15 -13.27 -10.60 -5.08
N GLU A 16 -12.54 -11.71 -4.90
CA GLU A 16 -13.03 -13.03 -5.30
C GLU A 16 -14.38 -13.37 -4.67
N TRP A 17 -14.63 -12.88 -3.45
CA TRP A 17 -15.76 -13.30 -2.63
C TRP A 17 -17.04 -12.50 -2.89
N ALA A 18 -16.99 -11.47 -3.74
CA ALA A 18 -18.12 -10.55 -3.82
C ALA A 18 -19.31 -11.11 -4.61
N TYR A 19 -19.07 -11.97 -5.60
CA TYR A 19 -20.10 -12.24 -6.59
C TYR A 19 -21.32 -12.94 -6.00
N SER A 20 -21.17 -13.61 -4.86
CA SER A 20 -22.25 -14.38 -4.26
C SER A 20 -22.80 -13.72 -3.00
N SER A 21 -22.35 -12.51 -2.67
CA SER A 21 -22.67 -11.89 -1.39
C SER A 21 -23.57 -10.68 -1.58
N GLU A 22 -24.68 -10.64 -0.83
CA GLU A 22 -25.61 -9.53 -0.90
C GLU A 22 -24.94 -8.21 -0.52
N ALA A 23 -24.17 -8.22 0.57
CA ALA A 23 -23.57 -6.98 1.06
C ALA A 23 -22.52 -6.45 0.09
N GLN A 24 -21.91 -7.33 -0.70
CA GLN A 24 -20.91 -6.95 -1.68
C GLN A 24 -21.51 -6.60 -3.03
N GLY A 25 -22.84 -6.68 -3.15
CA GLY A 25 -23.51 -6.31 -4.37
C GLY A 25 -23.46 -7.35 -5.46
N TYR A 26 -23.01 -8.57 -5.18
CA TYR A 26 -22.91 -9.62 -6.20
C TYR A 26 -21.99 -9.19 -7.35
N PHE A 27 -20.94 -8.44 -7.01
CA PHE A 27 -20.01 -7.90 -8.02
C PHE A 27 -19.16 -9.02 -8.60
N ASN A 28 -19.14 -9.12 -9.92
CA ASN A 28 -18.34 -10.14 -10.62
C ASN A 28 -17.40 -9.47 -11.64
N VAL A 29 -16.66 -10.30 -12.38
CA VAL A 29 -15.63 -9.77 -13.26
C VAL A 29 -16.21 -8.86 -14.35
N THR A 30 -17.44 -9.13 -14.79
CA THR A 30 -18.03 -8.28 -15.82
C THR A 30 -18.47 -6.92 -15.28
N ASP A 31 -18.41 -6.73 -13.96
CA ASP A 31 -18.68 -5.44 -13.35
C ASP A 31 -17.43 -4.60 -13.13
N LEU A 32 -16.26 -5.16 -13.43
CA LEU A 32 -15.02 -4.39 -13.30
C LEU A 32 -15.00 -3.22 -14.28
N GLN A 33 -14.25 -2.19 -13.90
CA GLN A 33 -14.18 -0.94 -14.63
C GLN A 33 -13.09 -1.04 -15.70
N TRP A 34 -13.34 -1.93 -16.66
CA TRP A 34 -12.34 -2.33 -17.64
C TRP A 34 -11.86 -1.19 -18.51
N ASP A 35 -12.70 -0.19 -18.76
CA ASP A 35 -12.32 0.94 -19.60
C ASP A 35 -11.44 1.94 -18.86
N SER A 36 -11.31 1.83 -17.55
CA SER A 36 -10.62 2.83 -16.75
C SER A 36 -9.39 2.31 -16.02
N LEU A 37 -9.39 1.04 -15.61
CA LEU A 37 -8.24 0.48 -14.92
C LEU A 37 -7.14 0.13 -15.91
N THR A 38 -5.89 0.30 -15.48
CA THR A 38 -4.75 -0.19 -16.25
C THR A 38 -4.28 -1.56 -15.77
N HIS A 39 -4.58 -1.90 -14.52
CA HIS A 39 -4.16 -3.16 -13.91
C HIS A 39 -5.28 -3.63 -12.99
N ILE A 40 -5.48 -4.95 -12.94
CA ILE A 40 -6.42 -5.58 -12.03
C ILE A 40 -5.64 -6.55 -11.16
N GLN A 41 -5.78 -6.41 -9.84
N GLN A 41 -5.79 -6.43 -9.84
N GLN A 41 -5.79 -6.44 -9.85
CA GLN A 41 -5.20 -7.31 -8.86
CA GLN A 41 -5.14 -7.34 -8.89
CA GLN A 41 -5.16 -7.33 -8.88
C GLN A 41 -6.29 -8.26 -8.39
C GLN A 41 -6.21 -8.26 -8.32
C GLN A 41 -6.23 -8.26 -8.32
N TYR A 42 -6.13 -9.55 -8.66
CA TYR A 42 -7.09 -10.54 -8.19
C TYR A 42 -6.82 -10.88 -6.74
N SER A 43 -7.80 -10.65 -5.87
CA SER A 43 -7.65 -10.83 -4.44
CA SER A 43 -7.65 -10.82 -4.42
C SER A 43 -8.52 -12.00 -3.99
N PHE A 44 -7.91 -13.02 -3.36
N PHE A 44 -7.90 -13.06 -3.47
CA PHE A 44 -6.50 -13.25 -3.07
CA PHE A 44 -6.50 -13.22 -3.17
C PHE A 44 -6.16 -14.72 -3.29
C PHE A 44 -6.10 -14.69 -3.14
N ALA A 45 -4.89 -14.97 -3.60
CA ALA A 45 -4.30 -16.28 -3.45
C ALA A 45 -3.57 -16.30 -2.09
N MET A 46 -3.16 -17.49 -1.68
CA MET A 46 -2.48 -17.68 -0.41
C MET A 46 -1.32 -18.64 -0.65
N VAL A 47 -0.69 -19.06 0.43
CA VAL A 47 0.37 -20.06 0.40
C VAL A 47 -0.15 -21.32 1.07
N ASP A 48 0.12 -22.47 0.45
CA ASP A 48 -0.35 -23.71 1.03
C ASP A 48 0.51 -24.11 2.24
N PRO A 49 -0.11 -24.54 3.35
CA PRO A 49 0.67 -24.84 4.56
C PRO A 49 1.58 -26.06 4.44
N SER A 50 1.30 -26.98 3.52
CA SER A 50 2.06 -28.22 3.42
C SER A 50 2.99 -28.27 2.22
N THR A 51 2.66 -27.59 1.11
CA THR A 51 3.49 -27.61 -0.08
C THR A 51 4.26 -26.32 -0.32
N ASN A 52 3.90 -25.24 0.36
CA ASN A 52 4.53 -23.93 0.21
C ASN A 52 4.35 -23.32 -1.16
N LYS A 53 3.40 -23.82 -1.93
CA LYS A 53 3.08 -23.28 -3.24
C LYS A 53 1.93 -22.30 -3.15
N ILE A 54 1.87 -21.40 -4.13
CA ILE A 54 0.71 -20.54 -4.27
C ILE A 54 -0.53 -21.41 -4.41
N THR A 55 -1.62 -20.97 -3.81
CA THR A 55 -2.84 -21.76 -3.81
C THR A 55 -4.04 -20.83 -3.79
N LEU A 56 -5.15 -21.32 -4.33
CA LEU A 56 -6.37 -20.54 -4.39
C LEU A 56 -7.08 -20.58 -3.03
N SER A 57 -7.77 -19.47 -2.73
CA SER A 57 -8.58 -19.42 -1.51
C SER A 57 -9.93 -20.11 -1.76
N ASN A 58 -10.78 -19.50 -2.57
CA ASN A 58 -12.02 -20.12 -3.01
C ASN A 58 -11.77 -20.63 -4.44
N LYS A 59 -11.34 -21.89 -4.52
CA LYS A 59 -11.05 -22.52 -5.81
C LYS A 59 -12.28 -22.53 -6.70
N HIS A 60 -13.45 -22.81 -6.13
CA HIS A 60 -14.66 -22.82 -6.93
C HIS A 60 -14.87 -21.48 -7.62
N ALA A 61 -14.81 -20.39 -6.86
CA ALA A 61 -15.00 -19.07 -7.46
C ALA A 61 -13.97 -18.80 -8.54
N ALA A 62 -12.70 -19.17 -8.29
CA ALA A 62 -11.63 -18.77 -9.19
C ALA A 62 -11.67 -19.52 -10.51
N ILE A 63 -11.98 -20.82 -10.49
CA ILE A 63 -11.78 -21.63 -11.69
C ILE A 63 -12.89 -22.63 -12.01
N GLU A 64 -13.96 -22.66 -11.21
CA GLU A 64 -15.02 -23.65 -11.43
C GLU A 64 -16.39 -23.06 -11.67
N GLU A 65 -16.72 -21.93 -11.06
CA GLU A 65 -18.06 -21.36 -11.15
C GLU A 65 -18.45 -21.11 -12.61
N ASP A 66 -19.64 -21.56 -12.99
CA ASP A 66 -20.15 -21.33 -14.33
C ASP A 66 -21.06 -20.10 -14.42
N PHE A 67 -21.41 -19.49 -13.29
CA PHE A 67 -22.21 -18.27 -13.23
C PHE A 67 -23.59 -18.43 -13.84
N SER A 68 -24.11 -19.67 -13.88
CA SER A 68 -25.44 -19.88 -14.44
C SER A 68 -26.51 -19.15 -13.64
N GLU A 69 -26.27 -18.93 -12.35
CA GLU A 69 -27.21 -18.25 -11.48
C GLU A 69 -26.91 -16.76 -11.33
N PHE A 70 -25.94 -16.25 -12.09
CA PHE A 70 -25.54 -14.85 -12.00
C PHE A 70 -25.58 -14.22 -13.37
N ASP A 71 -25.38 -12.91 -13.40
CA ASP A 71 -25.57 -12.11 -14.61
C ASP A 71 -24.20 -11.65 -15.11
N LEU A 72 -23.70 -12.33 -16.13
CA LEU A 72 -22.47 -11.95 -16.81
C LEU A 72 -22.86 -11.20 -18.07
N ASN A 73 -22.66 -9.89 -18.06
CA ASN A 73 -22.93 -9.06 -19.23
C ASN A 73 -22.03 -7.84 -19.15
N TYR A 74 -21.72 -7.27 -20.30
CA TYR A 74 -20.86 -6.10 -20.36
C TYR A 74 -21.33 -5.23 -21.52
N ASN A 75 -21.37 -3.92 -21.28
CA ASN A 75 -21.92 -2.97 -22.25
C ASN A 75 -23.30 -3.39 -22.71
N GLY A 76 -24.06 -4.01 -21.81
CA GLY A 76 -25.39 -4.49 -22.13
C GLY A 76 -25.43 -5.77 -22.93
N LYS A 77 -24.29 -6.39 -23.21
CA LYS A 77 -24.22 -7.61 -24.00
C LYS A 77 -23.87 -8.79 -23.12
N LYS A 78 -24.57 -9.90 -23.33
CA LYS A 78 -24.32 -11.10 -22.54
C LYS A 78 -22.91 -11.62 -22.77
N ILE A 79 -22.21 -11.91 -21.67
CA ILE A 79 -20.87 -12.47 -21.72
C ILE A 79 -20.98 -13.96 -21.42
N GLU A 80 -20.48 -14.79 -22.34
CA GLU A 80 -20.38 -16.22 -22.12
C GLU A 80 -18.95 -16.57 -21.73
N LEU A 81 -18.81 -17.58 -20.87
CA LEU A 81 -17.49 -18.13 -20.62
C LEU A 81 -16.92 -18.69 -21.92
N ASP A 82 -15.62 -18.55 -22.08
CA ASP A 82 -14.92 -19.11 -23.23
C ASP A 82 -14.89 -20.62 -23.08
N PRO A 83 -15.57 -21.38 -23.93
CA PRO A 83 -15.61 -22.84 -23.75
C PRO A 83 -14.34 -23.54 -24.16
N SER A 84 -13.38 -22.83 -24.75
CA SER A 84 -12.12 -23.43 -25.18
C SER A 84 -11.06 -23.42 -24.09
N LEU A 85 -11.33 -22.75 -22.95
CA LEU A 85 -10.37 -22.74 -21.86
C LEU A 85 -10.61 -23.94 -20.94
N PRO A 86 -9.56 -24.45 -20.30
CA PRO A 86 -9.70 -25.63 -19.45
C PRO A 86 -10.10 -25.30 -18.01
N TYR A 87 -10.63 -24.10 -17.80
CA TYR A 87 -11.13 -23.70 -16.49
C TYR A 87 -12.31 -22.76 -16.72
N LYS A 88 -13.13 -22.62 -15.68
CA LYS A 88 -14.24 -21.67 -15.68
C LYS A 88 -13.92 -20.61 -14.63
N GLY A 89 -14.91 -20.18 -13.85
CA GLY A 89 -14.64 -19.27 -12.75
C GLY A 89 -14.30 -17.86 -13.17
N HIS A 90 -13.96 -17.04 -12.17
CA HIS A 90 -13.53 -15.68 -12.44
C HIS A 90 -12.39 -15.65 -13.45
N PHE A 91 -11.49 -16.64 -13.38
CA PHE A 91 -10.32 -16.62 -14.24
C PHE A 91 -10.71 -16.72 -15.71
N ASN A 92 -11.71 -17.54 -16.03
CA ASN A 92 -12.21 -17.60 -17.41
C ASN A 92 -12.77 -16.25 -17.82
N VAL A 93 -13.60 -15.62 -16.97
CA VAL A 93 -14.17 -14.34 -17.34
C VAL A 93 -13.08 -13.29 -17.54
N LEU A 94 -12.06 -13.28 -16.68
CA LEU A 94 -10.95 -12.34 -16.86
C LEU A 94 -10.30 -12.51 -18.22
N GLN A 95 -10.00 -13.75 -18.60
CA GLN A 95 -9.34 -13.98 -19.88
C GLN A 95 -10.26 -13.63 -21.04
N THR A 96 -11.55 -13.90 -20.90
CA THR A 96 -12.51 -13.55 -21.93
C THR A 96 -12.61 -12.04 -22.10
N MET A 97 -12.69 -11.30 -20.99
CA MET A 97 -12.72 -9.85 -21.08
C MET A 97 -11.42 -9.29 -21.64
N LYS A 98 -10.28 -9.90 -21.28
CA LYS A 98 -8.99 -9.36 -21.70
C LYS A 98 -8.84 -9.39 -23.21
N LYS A 99 -9.53 -10.31 -23.89
CA LYS A 99 -9.49 -10.32 -25.34
C LYS A 99 -9.95 -8.98 -25.91
N ASN A 100 -10.88 -8.31 -25.23
CA ASN A 100 -11.33 -6.99 -25.66
C ASN A 100 -10.58 -5.87 -24.96
N TYR A 101 -9.81 -6.18 -23.91
CA TYR A 101 -9.00 -5.20 -23.19
C TYR A 101 -7.58 -5.72 -23.07
N PRO A 102 -6.91 -5.94 -24.20
CA PRO A 102 -5.59 -6.60 -24.14
C PRO A 102 -4.54 -5.82 -23.36
N ASP A 103 -4.69 -4.50 -23.21
CA ASP A 103 -3.68 -3.69 -22.55
C ASP A 103 -3.91 -3.54 -21.04
N VAL A 104 -4.96 -4.15 -20.50
CA VAL A 104 -5.16 -4.19 -19.06
C VAL A 104 -4.36 -5.36 -18.48
N SER A 105 -3.45 -5.07 -17.57
CA SER A 105 -2.62 -6.12 -16.98
C SER A 105 -3.36 -6.79 -15.82
N LEU A 106 -3.24 -8.11 -15.74
CA LEU A 106 -3.86 -8.90 -14.69
C LEU A 106 -2.77 -9.45 -13.78
N LEU A 107 -2.90 -9.23 -12.49
CA LEU A 107 -1.94 -9.75 -11.52
C LEU A 107 -2.67 -10.56 -10.47
N ILE A 108 -2.00 -11.59 -9.97
CA ILE A 108 -2.52 -12.37 -8.85
C ILE A 108 -1.93 -11.80 -7.57
N SER A 109 -2.80 -11.38 -6.65
CA SER A 109 -2.35 -10.87 -5.35
CA SER A 109 -2.35 -10.87 -5.35
C SER A 109 -2.33 -12.01 -4.35
N VAL A 110 -1.20 -12.17 -3.67
CA VAL A 110 -1.00 -13.25 -2.72
C VAL A 110 -0.85 -12.62 -1.34
N GLY A 111 -1.70 -13.04 -0.41
CA GLY A 111 -1.65 -12.56 0.96
C GLY A 111 -2.94 -11.89 1.39
N GLY A 112 -2.82 -10.64 1.81
CA GLY A 112 -3.93 -9.92 2.40
C GLY A 112 -4.02 -10.16 3.89
N TRP A 113 -5.00 -9.51 4.51
CA TRP A 113 -5.12 -9.57 5.97
C TRP A 113 -5.32 -11.00 6.45
N THR A 114 -6.14 -11.78 5.75
CA THR A 114 -6.46 -13.14 6.16
C THR A 114 -5.70 -14.20 5.37
N GLY A 115 -4.81 -13.81 4.45
CA GLY A 115 -4.10 -14.77 3.64
C GLY A 115 -2.58 -14.71 3.80
N THR A 116 -2.12 -14.00 4.81
CA THR A 116 -0.68 -13.90 5.06
C THR A 116 -0.13 -15.07 5.87
N ARG A 117 -0.99 -15.83 6.55
CA ARG A 117 -0.54 -16.79 7.56
C ARG A 117 0.62 -17.67 7.10
N CYS A 118 0.49 -18.34 5.96
CA CYS A 118 1.51 -19.32 5.61
C CYS A 118 2.75 -18.70 4.96
N PHE A 119 2.73 -17.39 4.67
N PHE A 119 2.74 -17.39 4.68
CA PHE A 119 3.97 -16.70 4.34
CA PHE A 119 3.99 -16.74 4.33
C PHE A 119 5.01 -16.94 5.44
C PHE A 119 5.01 -16.93 5.45
N TYR A 120 4.57 -16.96 6.70
CA TYR A 120 5.51 -16.99 7.81
C TYR A 120 6.37 -18.26 7.80
N THR A 121 5.77 -19.41 7.49
CA THR A 121 6.53 -20.64 7.44
C THR A 121 7.22 -20.83 6.09
N MET A 122 6.64 -20.33 5.00
CA MET A 122 7.28 -20.48 3.70
C MET A 122 8.60 -19.74 3.62
N ILE A 123 8.73 -18.60 4.30
CA ILE A 123 9.98 -17.84 4.22
C ILE A 123 11.08 -18.42 5.09
N ASP A 124 10.80 -19.51 5.83
CA ASP A 124 11.78 -20.03 6.78
C ASP A 124 13.05 -20.53 6.09
N THR A 125 12.96 -21.08 4.89
CA THR A 125 14.13 -21.62 4.21
C THR A 125 14.18 -21.16 2.75
N ASP A 126 15.39 -21.15 2.21
CA ASP A 126 15.59 -20.75 0.83
C ASP A 126 14.91 -21.74 -0.13
N ASN A 127 14.93 -23.02 0.18
CA ASN A 127 14.28 -23.98 -0.70
C ASN A 127 12.77 -23.79 -0.73
N ARG A 128 12.15 -23.42 0.40
CA ARG A 128 10.71 -23.15 0.39
C ARG A 128 10.40 -21.88 -0.40
N ILE A 129 11.23 -20.85 -0.25
CA ILE A 129 11.06 -19.64 -1.06
C ILE A 129 11.18 -19.97 -2.53
N ASN A 130 12.16 -20.80 -2.90
CA ASN A 130 12.35 -21.17 -4.30
C ASN A 130 11.13 -21.93 -4.83
N THR A 131 10.61 -22.88 -4.03
CA THR A 131 9.40 -23.60 -4.42
C THR A 131 8.23 -22.64 -4.62
N PHE A 132 8.04 -21.71 -3.68
CA PHE A 132 6.95 -20.76 -3.82
C PHE A 132 7.11 -19.92 -5.07
N ALA A 133 8.31 -19.39 -5.30
CA ALA A 133 8.53 -18.52 -6.45
C ALA A 133 8.31 -19.27 -7.75
N ASP A 134 8.84 -20.50 -7.85
CA ASP A 134 8.59 -21.31 -9.03
C ASP A 134 7.09 -21.56 -9.21
N SER A 135 6.36 -21.77 -8.10
CA SER A 135 4.92 -22.03 -8.23
C SER A 135 4.18 -20.79 -8.73
N CYS A 136 4.66 -19.60 -8.40
CA CYS A 136 4.04 -18.38 -8.92
C CYS A 136 4.21 -18.28 -10.42
N VAL A 137 5.41 -18.61 -10.93
CA VAL A 137 5.63 -18.61 -12.37
C VAL A 137 4.71 -19.61 -13.06
N ASP A 138 4.62 -20.82 -12.51
CA ASP A 138 3.73 -21.82 -13.11
C ASP A 138 2.30 -21.32 -13.16
N PHE A 139 1.86 -20.65 -12.10
CA PHE A 139 0.48 -20.22 -11.94
C PHE A 139 0.13 -19.12 -12.95
N ILE A 140 0.99 -18.12 -13.09
CA ILE A 140 0.67 -17.04 -14.02
C ILE A 140 0.68 -17.54 -15.46
N ARG A 141 1.54 -18.51 -15.78
CA ARG A 141 1.51 -19.11 -17.10
C ARG A 141 0.22 -19.89 -17.31
N LYS A 142 -0.16 -20.70 -16.33
CA LYS A 142 -1.34 -21.56 -16.46
C LYS A 142 -2.62 -20.74 -16.65
N TYR A 143 -2.74 -19.63 -15.92
CA TYR A 143 -4.00 -18.90 -15.85
C TYR A 143 -3.96 -17.56 -16.56
N GLY A 144 -2.92 -17.30 -17.35
CA GLY A 144 -2.90 -16.11 -18.17
C GLY A 144 -2.77 -14.82 -17.40
N PHE A 145 -2.04 -14.83 -16.30
CA PHE A 145 -1.77 -13.62 -15.54
C PHE A 145 -0.48 -12.96 -16.05
N ASP A 146 -0.41 -11.64 -15.87
CA ASP A 146 0.72 -10.85 -16.28
C ASP A 146 1.71 -10.59 -15.17
N GLY A 147 1.43 -11.03 -13.95
CA GLY A 147 2.37 -10.77 -12.88
C GLY A 147 1.82 -11.18 -11.53
N VAL A 148 2.62 -10.88 -10.51
CA VAL A 148 2.39 -11.27 -9.12
C VAL A 148 2.46 -10.03 -8.26
N ASP A 149 1.48 -9.89 -7.36
CA ASP A 149 1.46 -8.85 -6.35
C ASP A 149 1.57 -9.51 -4.98
N ILE A 150 2.57 -9.12 -4.20
CA ILE A 150 2.78 -9.69 -2.87
C ILE A 150 2.22 -8.72 -1.84
N ASP A 151 1.28 -9.22 -1.03
N ASP A 151 1.22 -9.20 -1.08
CA ASP A 151 0.57 -8.41 -0.03
CA ASP A 151 0.56 -8.43 -0.02
C ASP A 151 0.75 -9.05 1.35
C ASP A 151 0.77 -9.16 1.30
N PHE A 152 2.01 -9.15 1.79
CA PHE A 152 2.37 -9.78 3.05
C PHE A 152 2.14 -8.78 4.17
N GLN A 153 1.21 -9.09 5.08
CA GLN A 153 0.85 -8.18 6.16
C GLN A 153 1.19 -8.79 7.52
N TYR A 154 2.42 -8.56 8.01
CA TYR A 154 3.48 -7.68 7.55
C TYR A 154 4.84 -8.29 7.87
N PRO A 155 5.84 -8.02 7.03
CA PRO A 155 7.18 -8.56 7.26
C PRO A 155 7.99 -7.66 8.19
N SER A 156 7.47 -7.46 9.39
CA SER A 156 8.00 -6.48 10.33
C SER A 156 8.33 -7.14 11.66
N SER A 157 9.35 -6.61 12.34
CA SER A 157 9.65 -7.06 13.68
C SER A 157 8.72 -6.47 14.74
N THR A 158 7.85 -5.54 14.36
CA THR A 158 7.00 -4.90 15.35
C THR A 158 6.11 -5.93 16.03
N SER A 159 6.24 -6.03 17.35
CA SER A 159 5.49 -7.04 18.06
C SER A 159 3.99 -6.81 17.90
N GLN A 160 3.26 -7.89 17.68
CA GLN A 160 1.80 -7.90 17.62
C GLN A 160 1.26 -7.15 16.41
N SER A 161 2.08 -6.97 15.38
CA SER A 161 1.59 -6.46 14.11
C SER A 161 1.05 -7.61 13.24
N GLY A 162 0.28 -7.24 12.25
CA GLY A 162 -0.36 -8.23 11.42
C GLY A 162 -1.59 -8.81 12.10
N ASN A 163 -2.07 -9.90 11.53
CA ASN A 163 -3.33 -10.49 12.00
C ASN A 163 -3.08 -11.24 13.32
N PRO A 164 -3.82 -10.93 14.38
CA PRO A 164 -3.58 -11.64 15.65
C PRO A 164 -3.80 -13.14 15.56
N ASP A 165 -4.60 -13.60 14.60
CA ASP A 165 -4.76 -15.04 14.44
C ASP A 165 -3.46 -15.73 14.07
N ASP A 166 -2.46 -14.98 13.60
CA ASP A 166 -1.20 -15.54 13.15
C ASP A 166 -0.04 -15.30 14.11
N PHE A 167 -0.32 -14.77 15.30
CA PHE A 167 0.77 -14.51 16.25
C PHE A 167 1.57 -15.77 16.57
N ASP A 168 0.93 -16.95 16.54
CA ASP A 168 1.65 -18.19 16.80
C ASP A 168 2.78 -18.44 15.80
N LEU A 169 2.67 -17.87 14.60
CA LEU A 169 3.73 -17.97 13.59
C LEU A 169 4.57 -16.70 13.49
N SER A 170 3.96 -15.53 13.62
CA SER A 170 4.73 -14.30 13.40
C SER A 170 5.58 -13.93 14.62
N GLU A 171 5.07 -14.13 15.83
CA GLU A 171 5.81 -13.69 17.00
C GLU A 171 7.14 -14.40 17.18
N PRO A 172 7.24 -15.72 16.99
CA PRO A 172 8.56 -16.37 17.09
C PRO A 172 9.54 -15.94 16.01
N ARG A 173 9.09 -15.28 14.95
CA ARG A 173 9.92 -14.99 13.78
C ARG A 173 10.26 -13.51 13.62
N ARG A 174 9.88 -12.66 14.57
CA ARG A 174 9.97 -11.22 14.37
C ARG A 174 11.37 -10.75 13.98
N THR A 175 12.42 -11.31 14.58
CA THR A 175 13.75 -10.78 14.35
CA THR A 175 13.75 -10.78 14.35
C THR A 175 14.23 -10.99 12.92
N LYS A 176 13.70 -12.00 12.21
CA LYS A 176 14.18 -12.31 10.87
C LYS A 176 13.20 -11.98 9.75
N LEU A 177 11.98 -11.56 10.06
CA LEU A 177 10.96 -11.45 9.02
C LEU A 177 11.39 -10.52 7.90
N ASN A 178 11.94 -9.35 8.24
CA ASN A 178 12.28 -8.38 7.20
C ASN A 178 13.40 -8.92 6.30
N GLU A 179 14.41 -9.55 6.88
CA GLU A 179 15.49 -10.13 6.08
C GLU A 179 14.97 -11.22 5.16
N ARG A 180 14.12 -12.11 5.68
CA ARG A 180 13.61 -13.19 4.85
C ARG A 180 12.66 -12.67 3.77
N TYR A 181 11.88 -11.64 4.07
CA TYR A 181 11.03 -11.01 3.06
C TYR A 181 11.87 -10.41 1.94
N ASN A 182 13.00 -9.78 2.27
CA ASN A 182 13.85 -9.25 1.22
C ASN A 182 14.34 -10.37 0.30
N ILE A 183 14.68 -11.53 0.84
CA ILE A 183 15.09 -12.65 0.02
C ILE A 183 13.94 -13.15 -0.84
N LEU A 184 12.73 -13.19 -0.27
CA LEU A 184 11.55 -13.60 -1.02
C LEU A 184 11.34 -12.73 -2.25
N ILE A 185 11.36 -11.41 -2.06
CA ILE A 185 11.08 -10.52 -3.18
C ILE A 185 12.17 -10.62 -4.24
N LYS A 186 13.43 -10.66 -3.82
CA LYS A 186 14.54 -10.77 -4.77
C LYS A 186 14.43 -12.07 -5.57
N THR A 187 14.11 -13.18 -4.90
CA THR A 187 13.98 -14.46 -5.59
C THR A 187 12.81 -14.45 -6.57
N LEU A 188 11.67 -13.89 -6.16
CA LEU A 188 10.55 -13.76 -7.10
C LEU A 188 10.95 -12.97 -8.34
N ARG A 189 11.66 -11.86 -8.15
CA ARG A 189 12.10 -11.08 -9.32
C ARG A 189 12.98 -11.91 -10.23
N GLU A 190 13.93 -12.66 -9.66
CA GLU A 190 14.84 -13.44 -10.47
C GLU A 190 14.08 -14.48 -11.29
N LYS A 191 13.15 -15.20 -10.65
CA LYS A 191 12.42 -16.23 -11.38
C LYS A 191 11.46 -15.63 -12.39
N ILE A 192 10.80 -14.54 -12.03
CA ILE A 192 9.84 -13.94 -12.95
C ILE A 192 10.56 -13.37 -14.18
N ASP A 193 11.73 -12.75 -13.98
CA ASP A 193 12.47 -12.22 -15.12
C ASP A 193 12.91 -13.33 -16.07
N MET A 194 13.30 -14.49 -15.55
N MET A 194 13.32 -14.48 -15.53
CA MET A 194 13.68 -15.57 -16.45
CA MET A 194 13.68 -15.61 -16.38
C MET A 194 12.48 -16.12 -17.19
C MET A 194 12.48 -16.09 -17.17
N ALA A 195 11.32 -16.19 -16.52
CA ALA A 195 10.10 -16.60 -17.21
C ALA A 195 9.75 -15.62 -18.32
N SER A 196 9.93 -14.32 -18.06
CA SER A 196 9.66 -13.31 -19.08
C SER A 196 10.50 -13.56 -20.32
N LYS A 197 11.80 -13.78 -20.12
CA LYS A 197 12.69 -14.04 -21.25
C LYS A 197 12.26 -15.31 -21.98
N GLU A 198 11.92 -16.36 -21.25
CA GLU A 198 11.55 -17.63 -21.88
C GLU A 198 10.27 -17.48 -22.70
N ASP A 199 9.31 -16.70 -22.20
CA ASP A 199 7.99 -16.62 -22.81
C ASP A 199 7.83 -15.46 -23.78
N GLY A 200 8.79 -14.55 -23.86
CA GLY A 200 8.62 -13.38 -24.70
C GLY A 200 7.53 -12.46 -24.21
N LYS A 201 7.30 -12.42 -22.90
CA LYS A 201 6.28 -11.59 -22.26
C LYS A 201 6.97 -10.84 -21.13
N GLU A 202 6.44 -9.67 -20.80
CA GLU A 202 6.99 -8.84 -19.73
C GLU A 202 6.14 -8.99 -18.48
N TYR A 203 6.54 -9.90 -17.60
CA TYR A 203 5.79 -10.17 -16.38
C TYR A 203 6.18 -9.18 -15.29
N LEU A 204 5.22 -8.88 -14.43
CA LEU A 204 5.35 -7.85 -13.41
C LEU A 204 5.46 -8.48 -12.02
N LEU A 205 6.12 -7.75 -11.13
CA LEU A 205 6.17 -8.07 -9.71
C LEU A 205 5.93 -6.78 -8.95
N THR A 206 4.89 -6.77 -8.11
CA THR A 206 4.51 -5.59 -7.34
C THR A 206 4.28 -6.01 -5.89
N ALA A 207 4.11 -5.00 -5.04
CA ALA A 207 3.74 -5.27 -3.65
C ALA A 207 2.90 -4.14 -3.13
N ALA A 208 1.94 -4.50 -2.27
CA ALA A 208 1.18 -3.54 -1.47
C ALA A 208 1.81 -3.53 -0.08
N VAL A 209 2.17 -2.34 0.39
CA VAL A 209 3.02 -2.19 1.57
C VAL A 209 2.39 -1.25 2.58
N THR A 210 2.78 -1.44 3.83
CA THR A 210 2.22 -0.68 4.93
C THR A 210 2.55 0.81 4.82
N ALA A 211 1.63 1.62 5.30
CA ALA A 211 1.84 3.04 5.51
C ALA A 211 1.91 3.37 6.99
N SER A 212 1.94 2.36 7.86
CA SER A 212 1.85 2.59 9.29
C SER A 212 3.22 2.88 9.88
N PRO A 213 3.41 4.01 10.56
CA PRO A 213 4.69 4.23 11.25
C PRO A 213 4.98 3.17 12.30
N TRP A 214 3.94 2.61 12.92
CA TRP A 214 4.11 1.56 13.92
C TRP A 214 4.69 0.30 13.31
N VAL A 215 4.12 -0.15 12.19
CA VAL A 215 4.67 -1.31 11.50
C VAL A 215 6.06 -1.00 10.95
N LEU A 216 6.24 0.20 10.38
CA LEU A 216 7.49 0.53 9.73
C LEU A 216 8.64 0.65 10.72
N GLY A 217 8.36 0.96 11.99
CA GLY A 217 9.43 0.97 12.98
C GLY A 217 10.13 -0.36 13.10
N GLY A 218 9.47 -1.45 12.70
CA GLY A 218 10.07 -2.76 12.71
C GLY A 218 10.59 -3.25 11.38
N ILE A 219 10.76 -2.34 10.43
CA ILE A 219 11.31 -2.67 9.11
C ILE A 219 12.63 -1.93 9.00
N SER A 220 13.73 -2.70 8.88
CA SER A 220 15.07 -2.12 8.84
C SER A 220 15.69 -2.11 7.46
N ASP A 221 15.12 -2.80 6.47
CA ASP A 221 15.71 -2.92 5.15
C ASP A 221 14.59 -2.86 4.12
N ASN A 222 14.56 -1.78 3.34
CA ASN A 222 13.59 -1.62 2.27
C ASN A 222 14.20 -1.83 0.88
N THR A 223 15.31 -2.56 0.81
CA THR A 223 15.96 -2.83 -0.48
C THR A 223 14.99 -3.50 -1.45
N TYR A 224 14.07 -4.31 -0.93
CA TYR A 224 13.16 -5.07 -1.79
C TYR A 224 12.44 -4.16 -2.77
N ALA A 225 12.25 -2.89 -2.42
CA ALA A 225 11.48 -1.99 -3.26
C ALA A 225 12.08 -1.86 -4.65
N LYS A 226 13.41 -1.98 -4.76
CA LYS A 226 14.09 -1.82 -6.04
C LYS A 226 13.78 -2.95 -7.01
N TYR A 227 13.20 -4.05 -6.53
CA TYR A 227 12.87 -5.20 -7.36
C TYR A 227 11.43 -5.17 -7.85
N LEU A 228 10.67 -4.13 -7.52
CA LEU A 228 9.27 -4.04 -7.86
C LEU A 228 9.07 -3.14 -9.08
N ASP A 229 8.08 -3.50 -9.91
CA ASP A 229 7.68 -2.59 -10.97
C ASP A 229 7.01 -1.34 -10.40
N PHE A 230 6.25 -1.50 -9.33
CA PHE A 230 5.72 -0.37 -8.58
C PHE A 230 5.43 -0.84 -7.17
N LEU A 231 5.38 0.13 -6.26
CA LEU A 231 5.13 -0.09 -4.85
C LEU A 231 3.84 0.64 -4.49
N SER A 232 2.87 -0.10 -3.99
CA SER A 232 1.54 0.43 -3.69
C SER A 232 1.44 0.71 -2.20
N ILE A 233 1.32 1.98 -1.84
CA ILE A 233 1.22 2.36 -0.43
C ILE A 233 -0.23 2.19 0.02
N MET A 234 -0.44 1.40 1.07
N MET A 234 -0.42 1.41 1.08
CA MET A 234 -1.79 1.18 1.62
CA MET A 234 -1.73 1.19 1.69
C MET A 234 -2.15 2.35 2.53
C MET A 234 -2.09 2.39 2.56
N SER A 235 -2.35 3.51 1.89
CA SER A 235 -2.65 4.77 2.57
C SER A 235 -4.14 4.86 2.91
N TYR A 236 -4.56 3.89 3.71
CA TYR A 236 -5.92 3.76 4.22
C TYR A 236 -5.83 2.89 5.46
N ASP A 237 -6.96 2.70 6.12
CA ASP A 237 -6.98 2.06 7.44
C ASP A 237 -6.07 2.80 8.43
N TYR A 238 -5.93 4.11 8.25
CA TYR A 238 -5.17 4.90 9.21
C TYR A 238 -5.89 4.97 10.54
N HIS A 239 -7.21 4.93 10.50
CA HIS A 239 -8.09 5.12 11.64
C HIS A 239 -9.30 4.22 11.46
N GLY A 240 -9.88 3.80 12.57
CA GLY A 240 -10.97 2.87 12.53
C GLY A 240 -11.36 2.42 13.91
N GLY A 241 -12.32 1.49 13.94
CA GLY A 241 -12.98 1.11 15.18
C GLY A 241 -12.11 0.39 16.19
N TRP A 242 -10.87 0.07 15.83
CA TRP A 242 -9.94 -0.53 16.79
C TRP A 242 -9.55 0.41 17.91
N ASN A 243 -9.76 1.72 17.77
CA ASN A 243 -9.48 2.64 18.86
C ASN A 243 -10.51 3.76 18.88
N GLU A 244 -10.33 4.69 19.83
CA GLU A 244 -11.34 5.70 20.11
C GLU A 244 -11.24 6.94 19.23
N TYR A 245 -10.23 7.07 18.39
CA TYR A 245 -9.94 8.33 17.72
C TYR A 245 -10.77 8.47 16.46
N VAL A 246 -11.81 9.31 16.52
CA VAL A 246 -12.69 9.55 15.39
C VAL A 246 -11.95 10.49 14.43
N GLU A 247 -11.37 9.91 13.39
CA GLU A 247 -10.41 10.57 12.51
C GLU A 247 -10.54 9.93 11.13
N HIS A 248 -9.85 10.50 10.15
CA HIS A 248 -10.04 10.07 8.77
C HIS A 248 -9.38 8.73 8.45
N LEU A 249 -10.09 7.94 7.64
CA LEU A 249 -9.58 6.65 7.18
C LEU A 249 -8.34 6.81 6.32
N ALA A 250 -8.28 7.87 5.51
CA ALA A 250 -7.35 7.90 4.39
C ALA A 250 -6.98 9.34 4.02
N GLY A 251 -6.67 10.16 5.03
CA GLY A 251 -6.28 11.53 4.74
C GLY A 251 -5.05 11.60 3.84
N ILE A 252 -4.97 12.68 3.07
CA ILE A 252 -3.85 12.88 2.15
C ILE A 252 -2.72 13.63 2.82
N TYR A 253 -3.02 14.76 3.42
CA TYR A 253 -2.01 15.67 3.95
C TYR A 253 -1.96 15.61 5.47
N PRO A 254 -0.81 15.98 6.05
CA PRO A 254 -0.67 15.92 7.52
C PRO A 254 -1.63 16.87 8.20
N ASN A 255 -2.25 16.38 9.26
CA ASN A 255 -3.28 17.11 9.98
C ASN A 255 -2.88 17.21 11.44
N LYS A 256 -2.46 18.40 11.86
CA LYS A 256 -2.04 18.61 13.24
C LYS A 256 -3.17 18.41 14.25
N GLU A 257 -4.42 18.32 13.81
CA GLU A 257 -5.54 18.10 14.70
C GLU A 257 -5.92 16.63 14.83
N ASP A 258 -5.25 15.73 14.11
CA ASP A 258 -5.44 14.30 14.31
C ASP A 258 -5.05 13.97 15.74
N ARG A 259 -6.04 13.65 16.58
CA ARG A 259 -5.77 13.50 18.01
C ARG A 259 -4.84 12.33 18.31
N GLU A 260 -4.78 11.34 17.43
CA GLU A 260 -3.93 10.18 17.72
C GLU A 260 -2.45 10.53 17.64
N THR A 261 -2.08 11.56 16.88
CA THR A 261 -0.68 11.88 16.66
C THR A 261 -0.30 13.29 17.14
N VAL A 262 -1.13 13.91 17.98
CA VAL A 262 -0.87 15.29 18.36
C VAL A 262 0.43 15.42 19.15
N THR A 263 0.86 14.35 19.82
CA THR A 263 2.11 14.38 20.57
C THR A 263 3.31 13.89 19.77
N GLN A 264 3.08 13.43 18.54
CA GLN A 264 4.18 12.94 17.72
C GLN A 264 4.96 14.11 17.11
N ILE A 265 6.15 13.78 16.62
CA ILE A 265 7.04 14.76 16.00
C ILE A 265 6.35 15.45 14.83
N MET A 266 5.56 14.71 14.07
CA MET A 266 4.76 15.24 12.97
C MET A 266 3.59 14.30 12.78
N PRO A 267 2.54 14.73 12.08
CA PRO A 267 1.38 13.84 11.84
C PRO A 267 1.73 12.80 10.80
N THR A 268 1.60 11.52 11.17
CA THR A 268 2.08 10.43 10.35
C THR A 268 0.98 9.64 9.64
N LEU A 269 -0.28 9.80 10.05
CA LEU A 269 -1.35 8.95 9.54
C LEU A 269 -2.05 9.61 8.36
N CYS A 270 -1.26 9.80 7.31
CA CYS A 270 -1.71 10.41 6.07
C CYS A 270 -0.80 9.93 4.95
N MET A 271 -1.35 9.92 3.72
N MET A 271 -1.33 9.97 3.73
CA MET A 271 -0.58 9.43 2.57
CA MET A 271 -0.60 9.40 2.61
C MET A 271 0.77 10.13 2.50
C MET A 271 0.71 10.14 2.35
N ASP A 272 0.75 11.45 2.64
CA ASP A 272 1.95 12.22 2.36
C ASP A 272 3.12 11.83 3.26
N TRP A 273 2.85 11.41 4.50
CA TRP A 273 3.95 10.95 5.35
C TRP A 273 4.57 9.68 4.80
N ALA A 274 3.73 8.73 4.38
CA ALA A 274 4.26 7.50 3.80
C ALA A 274 4.99 7.76 2.49
N TYR A 275 4.49 8.70 1.68
CA TYR A 275 5.21 9.11 0.47
C TYR A 275 6.63 9.53 0.82
N ARG A 276 6.76 10.45 1.79
CA ARG A 276 8.08 10.88 2.21
C ARG A 276 8.91 9.70 2.73
N TYR A 277 8.29 8.80 3.49
CA TYR A 277 9.03 7.65 4.02
C TYR A 277 9.67 6.86 2.88
N TYR A 278 8.88 6.49 1.88
CA TYR A 278 9.33 5.60 0.81
C TYR A 278 10.21 6.28 -0.22
N ARG A 279 10.26 7.62 -0.26
CA ARG A 279 11.18 8.31 -1.16
C ARG A 279 12.64 8.01 -0.81
N GLY A 280 12.91 7.49 0.37
CA GLY A 280 14.26 7.06 0.68
C GLY A 280 14.78 5.95 -0.22
N VAL A 281 13.89 5.14 -0.80
CA VAL A 281 14.31 4.01 -1.62
C VAL A 281 13.74 4.04 -3.05
N LEU A 282 12.73 4.84 -3.34
CA LEU A 282 12.12 4.84 -4.66
C LEU A 282 11.89 6.24 -5.16
N PRO A 283 11.92 6.43 -6.48
CA PRO A 283 11.42 7.68 -7.07
C PRO A 283 9.90 7.69 -7.04
N ALA A 284 9.33 8.89 -7.09
CA ALA A 284 7.89 9.05 -6.97
C ALA A 284 7.14 8.26 -8.05
N GLU A 285 7.71 8.17 -9.26
CA GLU A 285 6.99 7.54 -10.36
C GLU A 285 6.83 6.03 -10.18
N LYS A 286 7.52 5.44 -9.21
CA LYS A 286 7.34 4.03 -8.88
C LYS A 286 6.42 3.82 -7.67
N ILE A 287 5.84 4.88 -7.12
CA ILE A 287 5.01 4.83 -5.92
C ILE A 287 3.57 5.10 -6.31
N LEU A 288 2.65 4.28 -5.82
CA LEU A 288 1.22 4.49 -6.02
C LEU A 288 0.55 4.90 -4.71
N MET A 289 -0.42 5.80 -4.82
CA MET A 289 -1.28 6.17 -3.70
C MET A 289 -2.42 5.17 -3.56
N GLY A 290 -2.66 4.72 -2.33
CA GLY A 290 -3.80 3.87 -2.03
C GLY A 290 -5.05 4.68 -1.76
N ILE A 291 -6.14 4.28 -2.40
CA ILE A 291 -7.42 4.98 -2.32
C ILE A 291 -8.48 3.99 -1.86
N PRO A 292 -9.26 4.29 -0.83
CA PRO A 292 -10.33 3.39 -0.40
C PRO A 292 -11.67 3.71 -1.07
N TYR A 293 -12.39 2.65 -1.46
CA TYR A 293 -13.79 2.74 -1.84
C TYR A 293 -14.69 2.09 -0.78
N TYR A 294 -14.24 2.13 0.47
CA TYR A 294 -14.99 1.63 1.61
C TYR A 294 -14.79 2.64 2.74
N THR A 295 -15.56 2.46 3.81
CA THR A 295 -15.56 3.36 4.93
C THR A 295 -15.22 2.63 6.23
N ARG A 296 -14.88 3.41 7.24
CA ARG A 296 -14.94 2.97 8.63
C ARG A 296 -15.61 4.07 9.44
N GLY A 297 -16.12 3.71 10.61
CA GLY A 297 -16.86 4.73 11.35
C GLY A 297 -17.26 4.29 12.74
N TRP A 298 -17.85 5.23 13.46
CA TRP A 298 -18.16 5.11 14.87
C TRP A 298 -19.54 5.65 15.14
N GLU A 299 -20.18 5.14 16.19
CA GLU A 299 -21.44 5.69 16.67
C GLU A 299 -21.27 6.15 18.11
N ASN A 300 -22.28 6.87 18.59
N ASN A 300 -22.24 6.89 18.61
CA ASN A 300 -22.24 7.51 19.90
CA ASN A 300 -22.19 7.46 19.95
C ASN A 300 -20.94 8.29 20.09
C ASN A 300 -21.00 8.40 20.14
N VAL A 301 -20.60 9.08 19.07
CA VAL A 301 -19.39 9.89 19.12
C VAL A 301 -19.56 11.03 20.11
N GLN A 302 -18.54 11.23 20.95
CA GLN A 302 -18.52 12.28 21.95
C GLN A 302 -17.56 13.38 21.50
N GLY A 303 -17.98 14.63 21.68
CA GLY A 303 -17.11 15.72 21.33
C GLY A 303 -16.91 15.83 19.82
N GLY A 304 -15.79 16.47 19.45
CA GLY A 304 -15.48 16.72 18.06
C GLY A 304 -16.31 17.85 17.50
N ILE A 305 -16.12 18.09 16.20
CA ILE A 305 -16.93 19.02 15.43
C ILE A 305 -17.45 18.26 14.22
N ASN A 306 -18.76 18.12 14.13
CA ASN A 306 -19.36 17.17 13.19
C ASN A 306 -18.71 15.80 13.35
N GLY A 307 -18.46 15.43 14.61
CA GLY A 307 -17.88 14.15 14.94
C GLY A 307 -16.36 14.11 14.83
N LEU A 308 -15.82 14.81 13.85
CA LEU A 308 -14.39 14.73 13.56
C LEU A 308 -13.59 15.21 14.77
N HIS A 309 -12.55 14.45 15.11
CA HIS A 309 -11.69 14.70 16.27
C HIS A 309 -12.39 14.37 17.59
N GLY A 310 -13.54 13.71 17.53
CA GLY A 310 -14.22 13.23 18.71
C GLY A 310 -13.70 11.87 19.15
N SER A 311 -14.43 11.26 20.07
CA SER A 311 -14.07 9.99 20.68
C SER A 311 -15.25 9.05 20.67
N SER A 312 -14.96 7.75 20.51
CA SER A 312 -16.00 6.74 20.59
C SER A 312 -15.37 5.38 20.84
N LYS A 313 -15.95 4.64 21.78
CA LYS A 313 -15.56 3.26 22.05
C LYS A 313 -16.46 2.26 21.33
N THR A 314 -17.37 2.73 20.48
CA THR A 314 -18.35 1.88 19.82
C THR A 314 -18.32 2.13 18.32
N PRO A 315 -17.67 1.26 17.55
CA PRO A 315 -17.71 1.41 16.09
C PRO A 315 -19.14 1.32 15.58
N ALA A 316 -19.40 1.91 14.43
CA ALA A 316 -20.76 1.97 13.92
C ALA A 316 -21.27 0.60 13.52
N SER A 317 -22.57 0.36 13.76
CA SER A 317 -23.17 -0.96 13.62
C SER A 317 -24.42 -0.86 12.74
N GLY A 318 -25.09 -2.00 12.55
CA GLY A 318 -26.37 -2.01 11.87
C GLY A 318 -26.25 -1.56 10.43
N LYS A 319 -27.16 -0.68 10.01
CA LYS A 319 -27.18 -0.21 8.63
C LYS A 319 -25.93 0.58 8.27
N TYR A 320 -25.13 0.99 9.26
CA TYR A 320 -23.89 1.70 9.02
C TYR A 320 -22.69 0.76 8.94
N ASN A 321 -22.92 -0.54 8.78
CA ASN A 321 -21.83 -1.51 8.85
C ASN A 321 -22.11 -2.74 7.99
N ILE A 322 -22.51 -2.55 6.73
CA ILE A 322 -22.97 -3.71 5.96
C ILE A 322 -21.83 -4.64 5.57
N LEU A 323 -20.58 -4.17 5.59
CA LEU A 323 -19.44 -5.02 5.30
C LEU A 323 -18.79 -5.60 6.55
N GLY A 324 -19.42 -5.47 7.71
CA GLY A 324 -18.84 -6.01 8.92
C GLY A 324 -18.65 -7.53 8.84
N ASP A 325 -17.68 -8.03 9.58
CA ASP A 325 -17.36 -9.45 9.59
C ASP A 325 -18.36 -10.23 10.45
N ASP A 326 -18.60 -11.47 10.05
CA ASP A 326 -19.49 -12.38 10.75
C ASP A 326 -18.67 -13.57 11.24
N LEU A 327 -17.75 -13.32 12.18
CA LEU A 327 -16.70 -14.30 12.48
C LEU A 327 -17.16 -15.41 13.43
N ASN A 328 -18.32 -15.30 14.06
CA ASN A 328 -19.00 -16.51 14.53
C ASN A 328 -20.06 -16.85 13.48
N ASN A 329 -21.34 -16.55 13.74
CA ASN A 329 -22.32 -16.62 12.66
C ASN A 329 -23.72 -16.17 13.04
N ASP A 330 -24.62 -16.21 12.04
CA ASP A 330 -26.05 -15.90 12.18
C ASP A 330 -26.33 -14.41 11.98
N GLY A 331 -25.48 -13.75 11.19
CA GLY A 331 -25.77 -12.41 10.72
C GLY A 331 -25.41 -11.29 11.68
N VAL A 332 -24.81 -11.59 12.82
CA VAL A 332 -24.38 -10.55 13.77
C VAL A 332 -22.96 -10.13 13.36
N LEU A 333 -22.85 -8.92 12.80
CA LEU A 333 -21.59 -8.46 12.23
C LEU A 333 -20.79 -7.68 13.25
N GLU A 334 -19.47 -7.85 13.22
CA GLU A 334 -18.61 -7.11 14.12
C GLU A 334 -18.66 -5.62 13.78
N PRO A 335 -18.93 -4.75 14.74
CA PRO A 335 -19.03 -3.31 14.43
C PRO A 335 -17.73 -2.73 13.89
N ALA A 336 -17.85 -1.96 12.81
CA ALA A 336 -16.68 -1.38 12.16
C ALA A 336 -17.01 -0.12 11.37
N GLY A 337 -18.30 0.21 11.23
CA GLY A 337 -18.70 1.30 10.35
C GLY A 337 -18.27 1.09 8.91
N ALA A 338 -18.21 -0.15 8.44
CA ALA A 338 -17.62 -0.49 7.15
C ALA A 338 -18.70 -0.67 6.09
N ASN A 339 -18.62 0.13 5.03
CA ASN A 339 -19.61 0.16 3.96
C ASN A 339 -18.92 0.42 2.64
N PRO A 340 -19.48 -0.05 1.53
CA PRO A 340 -19.08 0.48 0.22
C PRO A 340 -19.68 1.87 0.03
N LEU A 341 -19.06 2.66 -0.84
CA LEU A 341 -19.48 4.05 -0.99
C LEU A 341 -20.95 4.14 -1.43
N TRP A 342 -21.39 3.25 -2.32
CA TRP A 342 -22.76 3.33 -2.81
C TRP A 342 -23.78 3.16 -1.70
N HIS A 343 -23.45 2.35 -0.68
CA HIS A 343 -24.41 2.17 0.39
C HIS A 343 -24.55 3.43 1.22
N VAL A 344 -23.44 4.15 1.45
CA VAL A 344 -23.51 5.40 2.19
C VAL A 344 -24.33 6.42 1.40
N LEU A 345 -24.14 6.49 0.09
CA LEU A 345 -24.98 7.36 -0.73
C LEU A 345 -26.45 7.02 -0.56
N ASN A 346 -26.78 5.73 -0.51
CA ASN A 346 -28.17 5.34 -0.34
C ASN A 346 -28.69 5.73 1.05
N LEU A 347 -27.87 5.56 2.08
CA LEU A 347 -28.27 6.00 3.41
C LEU A 347 -28.57 7.49 3.42
N MET A 348 -27.82 8.28 2.65
CA MET A 348 -28.06 9.72 2.61
C MET A 348 -29.34 10.04 1.84
N GLU A 349 -29.70 9.22 0.85
CA GLU A 349 -31.01 9.37 0.23
C GLU A 349 -32.13 9.15 1.24
N GLN A 350 -31.90 8.25 2.21
CA GLN A 350 -32.94 7.88 3.17
C GLN A 350 -33.05 8.86 4.32
N ASP A 351 -31.96 9.55 4.66
CA ASP A 351 -31.88 10.34 5.89
C ASP A 351 -31.30 11.70 5.61
N PRO A 352 -32.12 12.77 5.60
CA PRO A 352 -31.58 14.10 5.31
C PRO A 352 -30.64 14.64 6.36
N ASN A 353 -30.55 14.00 7.53
CA ASN A 353 -29.64 14.45 8.58
C ASN A 353 -28.35 13.65 8.60
N LEU A 354 -28.13 12.80 7.61
CA LEU A 354 -26.83 12.19 7.36
C LEU A 354 -26.18 13.04 6.27
N LYS A 355 -25.22 13.88 6.66
CA LYS A 355 -24.71 14.93 5.79
C LYS A 355 -23.21 14.77 5.55
N VAL A 356 -22.78 15.26 4.38
CA VAL A 356 -21.39 15.15 3.97
C VAL A 356 -20.68 16.48 4.23
N TYR A 357 -19.45 16.37 4.73
CA TYR A 357 -18.62 17.51 5.07
C TYR A 357 -17.26 17.33 4.41
N TRP A 358 -16.49 18.41 4.33
CA TRP A 358 -15.20 18.43 3.67
C TRP A 358 -14.14 18.92 4.66
N ASP A 359 -13.01 18.22 4.71
CA ASP A 359 -11.86 18.63 5.53
C ASP A 359 -10.82 19.21 4.58
N GLU A 360 -10.63 20.53 4.62
CA GLU A 360 -9.70 21.15 3.67
C GLU A 360 -8.24 20.95 4.05
N ILE A 361 -7.95 20.46 5.25
CA ILE A 361 -6.57 20.14 5.61
C ILE A 361 -6.20 18.76 5.08
N SER A 362 -6.95 17.74 5.50
CA SER A 362 -6.68 16.39 5.05
C SER A 362 -7.11 16.15 3.61
N LYS A 363 -8.03 16.97 3.11
CA LYS A 363 -8.59 16.86 1.76
C LYS A 363 -9.31 15.54 1.52
N VAL A 364 -10.12 15.13 2.49
CA VAL A 364 -11.09 14.04 2.32
C VAL A 364 -12.42 14.47 2.91
N PRO A 365 -13.51 13.87 2.47
CA PRO A 365 -14.82 14.15 3.04
C PRO A 365 -15.15 13.17 4.15
N TYR A 366 -16.25 13.44 4.83
CA TYR A 366 -16.74 12.55 5.87
C TYR A 366 -18.23 12.80 6.02
N VAL A 367 -18.91 11.86 6.65
CA VAL A 367 -20.35 11.90 6.82
C VAL A 367 -20.67 11.90 8.31
N TRP A 368 -21.63 12.73 8.71
CA TRP A 368 -21.96 12.92 10.11
C TRP A 368 -23.46 12.98 10.27
N GLN A 369 -23.98 12.19 11.22
CA GLN A 369 -25.38 12.20 11.63
C GLN A 369 -25.41 12.82 13.02
N ASN A 370 -25.88 14.08 13.10
CA ASN A 370 -25.74 14.83 14.33
C ASN A 370 -26.71 14.39 15.42
N ASP A 371 -27.82 13.75 15.05
CA ASP A 371 -28.77 13.27 16.05
C ASP A 371 -28.32 11.94 16.66
N LYS A 372 -27.87 11.01 15.82
CA LYS A 372 -27.42 9.71 16.30
C LYS A 372 -25.94 9.70 16.67
N LYS A 373 -25.22 10.77 16.35
CA LYS A 373 -23.78 10.88 16.65
C LYS A 373 -22.98 9.79 15.95
N VAL A 374 -23.20 9.66 14.63
CA VAL A 374 -22.54 8.67 13.80
C VAL A 374 -21.62 9.39 12.83
N PHE A 375 -20.34 8.99 12.84
CA PHE A 375 -19.32 9.48 11.93
C PHE A 375 -18.86 8.32 11.06
N VAL A 376 -18.83 8.53 9.75
CA VAL A 376 -18.31 7.55 8.80
C VAL A 376 -17.38 8.28 7.85
N SER A 377 -16.21 7.69 7.58
CA SER A 377 -15.33 8.26 6.57
C SER A 377 -16.02 8.19 5.21
N PHE A 378 -15.49 8.94 4.25
CA PHE A 378 -16.11 8.96 2.93
C PHE A 378 -15.05 9.32 1.89
N GLU A 379 -15.44 9.14 0.63
CA GLU A 379 -14.60 9.45 -0.52
C GLU A 379 -15.56 9.90 -1.61
N ASN A 380 -15.23 10.97 -2.33
CA ASN A 380 -16.16 11.52 -3.32
C ASN A 380 -15.38 12.21 -4.43
N GLU A 381 -16.10 12.92 -5.30
CA GLU A 381 -15.45 13.55 -6.45
C GLU A 381 -14.44 14.59 -5.99
N LYS A 382 -14.74 15.29 -4.90
CA LYS A 382 -13.82 16.32 -4.40
C LYS A 382 -12.51 15.71 -3.91
N SER A 383 -12.59 14.57 -3.21
CA SER A 383 -11.34 13.94 -2.77
C SER A 383 -10.61 13.29 -3.93
N ILE A 384 -11.33 12.72 -4.90
CA ILE A 384 -10.67 12.23 -6.10
C ILE A 384 -9.88 13.37 -6.76
N ASP A 385 -10.49 14.55 -6.86
CA ASP A 385 -9.80 15.68 -7.47
C ASP A 385 -8.56 16.07 -6.67
N ALA A 386 -8.67 16.06 -5.34
CA ALA A 386 -7.51 16.36 -4.52
C ALA A 386 -6.43 15.31 -4.69
N ARG A 387 -6.81 14.04 -4.84
CA ARG A 387 -5.84 12.98 -5.04
C ARG A 387 -5.16 13.13 -6.40
N LEU A 388 -5.92 13.50 -7.43
CA LEU A 388 -5.32 13.73 -8.74
C LEU A 388 -4.31 14.87 -8.67
N GLU A 389 -4.66 15.95 -7.96
CA GLU A 389 -3.71 17.04 -7.83
C GLU A 389 -2.43 16.58 -7.15
N TYR A 390 -2.56 15.77 -6.09
CA TYR A 390 -1.37 15.26 -5.40
C TYR A 390 -0.54 14.38 -6.32
N ILE A 391 -1.20 13.48 -7.06
CA ILE A 391 -0.49 12.60 -7.96
C ILE A 391 0.32 13.41 -8.97
N GLN A 392 -0.28 14.47 -9.51
N GLN A 392 -0.28 14.46 -9.53
CA GLN A 392 0.44 15.30 -10.47
CA GLN A 392 0.45 15.30 -10.48
C GLN A 392 1.55 16.10 -9.81
C GLN A 392 1.58 16.06 -9.78
N ASN A 393 1.27 16.69 -8.65
CA ASN A 393 2.26 17.54 -7.99
C ASN A 393 3.49 16.74 -7.57
N LYS A 394 3.28 15.49 -7.11
CA LYS A 394 4.37 14.67 -6.59
C LYS A 394 4.96 13.73 -7.62
N ASN A 395 4.44 13.73 -8.85
CA ASN A 395 4.92 12.84 -9.90
C ASN A 395 4.72 11.36 -9.52
N LEU A 396 3.64 11.06 -8.81
CA LEU A 396 3.40 9.67 -8.43
C LEU A 396 3.08 8.84 -9.66
N GLY A 397 3.33 7.54 -9.55
CA GLY A 397 3.03 6.63 -10.63
C GLY A 397 1.54 6.44 -10.88
N GLY A 398 0.70 6.78 -9.91
CA GLY A 398 -0.74 6.58 -10.04
C GLY A 398 -1.34 6.18 -8.72
N ALA A 399 -2.33 5.29 -8.78
CA ALA A 399 -3.09 4.92 -7.59
C ALA A 399 -3.49 3.46 -7.65
N LEU A 400 -3.64 2.86 -6.47
N LEU A 400 -3.69 2.89 -6.45
CA LEU A 400 -4.30 1.58 -6.33
CA LEU A 400 -4.25 1.57 -6.21
C LEU A 400 -5.57 1.80 -5.51
C LEU A 400 -5.53 1.72 -5.40
N ILE A 401 -6.56 0.96 -5.76
CA ILE A 401 -7.88 1.09 -5.15
C ILE A 401 -8.24 -0.20 -4.42
N TRP A 402 -8.55 -0.08 -3.14
CA TRP A 402 -9.20 -1.14 -2.37
C TRP A 402 -10.61 -0.62 -2.10
N VAL A 403 -11.63 -1.18 -2.76
CA VAL A 403 -11.74 -2.37 -3.59
C VAL A 403 -12.83 -2.02 -4.63
N MET A 404 -12.80 -2.67 -5.78
CA MET A 404 -13.51 -2.11 -6.93
C MET A 404 -15.02 -2.17 -6.83
N ASN A 405 -15.59 -3.01 -5.96
CA ASN A 405 -17.04 -3.04 -5.83
C ASN A 405 -17.58 -1.93 -4.94
N GLY A 406 -16.73 -1.02 -4.47
CA GLY A 406 -17.16 0.09 -3.63
C GLY A 406 -17.45 1.39 -4.38
N ASP A 407 -16.99 1.50 -5.63
CA ASP A 407 -17.33 2.64 -6.48
C ASP A 407 -18.83 2.57 -6.77
N TYR A 408 -19.39 3.66 -7.30
CA TYR A 408 -20.84 3.76 -7.39
C TYR A 408 -21.35 4.14 -8.78
N GLY A 409 -22.61 3.79 -9.02
CA GLY A 409 -23.34 4.12 -10.23
C GLY A 409 -24.82 3.86 -9.98
N LEU A 410 -25.64 4.15 -10.99
CA LEU A 410 -27.08 4.02 -10.82
C LEU A 410 -27.48 2.55 -10.79
N ASN A 411 -28.46 2.24 -9.95
CA ASN A 411 -28.86 0.86 -9.71
C ASN A 411 -29.99 0.46 -10.65
N PRO A 412 -29.80 -0.54 -11.52
CA PRO A 412 -30.93 -1.05 -12.31
C PRO A 412 -32.05 -1.64 -11.47
N ASN A 413 -31.77 -2.05 -10.23
CA ASN A 413 -32.75 -2.70 -9.37
C ASN A 413 -33.27 -1.76 -8.28
N TYR A 414 -33.21 -0.45 -8.51
CA TYR A 414 -33.74 0.50 -7.54
C TYR A 414 -35.24 0.30 -7.33
N VAL A 415 -35.65 0.34 -6.06
CA VAL A 415 -37.06 0.31 -5.67
C VAL A 415 -37.32 1.48 -4.74
N GLU A 416 -38.17 2.41 -5.16
CA GLU A 416 -38.51 3.55 -4.32
C GLU A 416 -39.00 3.07 -2.96
N GLY A 417 -38.41 3.65 -1.90
CA GLY A 417 -38.83 3.36 -0.56
C GLY A 417 -38.22 2.12 0.07
N SER A 418 -37.42 1.36 -0.68
CA SER A 418 -36.90 0.11 -0.16
C SER A 418 -35.65 0.35 0.68
N ASN A 419 -35.54 -0.44 1.75
CA ASN A 419 -34.35 -0.45 2.61
C ASN A 419 -33.40 -1.59 2.28
N LYS A 420 -33.72 -2.41 1.28
CA LYS A 420 -32.86 -3.53 0.93
C LYS A 420 -31.54 -3.02 0.38
N ILE A 421 -30.46 -3.74 0.71
CA ILE A 421 -29.10 -3.28 0.39
C ILE A 421 -28.94 -3.01 -1.10
N ASN A 422 -29.54 -3.86 -1.95
CA ASN A 422 -29.35 -3.76 -3.38
C ASN A 422 -30.55 -3.18 -4.12
N GLU A 423 -31.43 -2.45 -3.41
CA GLU A 423 -32.56 -1.79 -4.03
C GLU A 423 -32.55 -0.28 -3.83
N GLY A 424 -31.40 0.28 -3.47
CA GLY A 424 -31.26 1.72 -3.34
C GLY A 424 -30.99 2.37 -4.68
N LYS A 425 -30.91 3.70 -4.64
CA LYS A 425 -30.69 4.47 -5.87
C LYS A 425 -29.38 4.07 -6.53
N TYR A 426 -28.36 3.78 -5.74
CA TYR A 426 -27.03 3.48 -6.22
C TYR A 426 -26.66 2.03 -5.94
N THR A 427 -25.85 1.48 -6.84
CA THR A 427 -25.15 0.22 -6.61
C THR A 427 -23.70 0.50 -6.99
N PHE A 428 -22.93 -0.55 -7.23
CA PHE A 428 -21.58 -0.34 -7.71
C PHE A 428 -21.61 0.28 -9.11
N GLY A 429 -20.50 0.89 -9.48
CA GLY A 429 -20.37 1.51 -10.79
C GLY A 429 -18.95 1.96 -10.99
N ASP A 430 -18.76 2.96 -11.86
CA ASP A 430 -17.42 3.43 -12.22
C ASP A 430 -17.27 4.94 -12.09
N THR A 431 -18.11 5.61 -11.29
CA THR A 431 -18.08 7.08 -11.29
C THR A 431 -16.72 7.62 -10.87
N LEU A 432 -16.20 7.17 -9.71
CA LEU A 432 -14.93 7.70 -9.24
C LEU A 432 -13.76 7.14 -10.03
N THR A 433 -13.87 5.90 -10.49
CA THR A 433 -12.76 5.28 -11.22
C THR A 433 -12.58 5.91 -12.59
N LYS A 434 -13.68 6.19 -13.29
CA LYS A 434 -13.59 6.94 -14.54
C LYS A 434 -13.03 8.34 -14.30
N ARG A 435 -13.44 8.98 -13.21
CA ARG A 435 -12.91 10.31 -12.92
C ARG A 435 -11.40 10.27 -12.70
N LEU A 436 -10.92 9.26 -11.96
CA LEU A 436 -9.48 9.09 -11.78
C LEU A 436 -8.81 8.84 -13.13
N SER A 437 -9.36 7.94 -13.93
CA SER A 437 -8.75 7.60 -15.22
C SER A 437 -8.64 8.83 -16.11
N GLN A 438 -9.73 9.61 -16.21
CA GLN A 438 -9.69 10.83 -17.02
C GLN A 438 -8.62 11.79 -16.52
N GLY A 439 -8.51 11.96 -15.20
CA GLY A 439 -7.51 12.86 -14.65
C GLY A 439 -6.09 12.38 -14.90
N LEU A 440 -5.87 11.07 -14.79
CA LEU A 440 -4.53 10.54 -15.05
C LEU A 440 -4.14 10.70 -16.51
N LYS A 441 -5.10 10.54 -17.42
CA LYS A 441 -4.84 10.79 -18.82
C LYS A 441 -4.48 12.25 -19.07
N LYS A 442 -5.22 13.16 -18.45
CA LYS A 442 -5.03 14.59 -18.73
C LYS A 442 -3.67 15.09 -18.26
N MET A 443 -3.17 14.58 -17.12
CA MET A 443 -1.92 15.10 -16.59
C MET A 443 -0.70 14.59 -17.35
N GLY A 444 -0.84 13.54 -18.16
CA GLY A 444 0.26 13.02 -18.93
C GLY A 444 1.17 12.09 -18.13
N VAL A 445 2.18 11.56 -18.83
CA VAL A 445 3.09 10.58 -18.23
C VAL A 445 3.90 11.22 -17.12
N CYS A 446 4.46 10.36 -16.26
CA CYS A 446 5.38 10.83 -15.23
C CYS A 446 6.68 11.31 -15.85
N ASN A 447 7.35 12.21 -15.13
CA ASN A 447 8.73 12.56 -15.41
C ASN A 447 9.66 11.50 -14.83
N LYS A 448 10.82 11.34 -15.46
CA LYS A 448 11.85 10.46 -14.92
C LYS A 448 12.63 11.22 -13.85
N THR A 449 12.60 10.73 -12.62
CA THR A 449 13.35 11.39 -11.57
C THR A 449 14.85 11.20 -11.83
N PRO A 450 15.64 12.27 -11.77
CA PRO A 450 17.08 12.12 -12.02
C PRO A 450 17.77 11.26 -10.96
N ASP A 451 18.90 10.67 -11.37
CA ASP A 451 19.72 9.92 -10.44
C ASP A 451 20.21 10.83 -9.30
N ASP A 452 20.57 10.19 -8.18
CA ASP A 452 21.23 10.91 -7.09
C ASP A 452 22.44 11.66 -7.63
N LEU A 453 22.64 12.89 -7.14
CA LEU A 453 23.74 13.71 -7.64
C LEU A 453 25.12 13.13 -7.28
N ASN A 454 25.22 12.34 -6.21
CA ASN A 454 26.52 11.84 -5.81
C ASN A 454 27.20 11.06 -6.93
N ILE A 455 26.41 10.43 -7.81
CA ILE A 455 26.97 9.64 -8.90
C ILE A 455 27.73 10.52 -9.89
N SER A 456 27.38 11.81 -9.97
CA SER A 456 28.04 12.73 -10.87
C SER A 456 29.33 13.29 -10.31
N LEU A 457 29.69 12.96 -9.08
CA LEU A 457 30.87 13.52 -8.44
C LEU A 457 32.10 12.66 -8.71
N GLU A 458 33.28 13.23 -8.46
CA GLU A 458 34.50 12.47 -8.61
C GLU A 458 34.57 11.37 -7.56
N PRO A 459 35.08 10.19 -7.90
CA PRO A 459 35.11 9.10 -6.93
C PRO A 459 36.23 9.24 -5.91
N ILE A 460 35.95 8.75 -4.71
CA ILE A 460 36.97 8.54 -3.68
C ILE A 460 36.78 7.15 -3.11
N ASN A 461 37.89 6.46 -2.85
CA ASN A 461 37.86 5.10 -2.31
C ASN A 461 37.67 5.14 -0.79
N VAL A 462 36.51 5.65 -0.40
CA VAL A 462 36.03 5.62 0.98
C VAL A 462 34.68 4.92 0.98
N ASP A 463 34.46 4.07 1.97
CA ASP A 463 33.21 3.36 2.14
C ASP A 463 32.43 4.00 3.27
N VAL A 464 31.18 4.37 3.01
CA VAL A 464 30.29 4.93 4.01
C VAL A 464 29.13 3.97 4.20
N LYS A 465 28.99 3.43 5.40
CA LYS A 465 27.91 2.50 5.72
C LYS A 465 27.06 3.10 6.83
N PHE A 466 25.76 3.24 6.55
CA PHE A 466 24.81 3.82 7.48
C PHE A 466 23.99 2.70 8.09
N ASN A 467 24.00 2.61 9.43
CA ASN A 467 23.21 1.64 10.17
C ASN A 467 22.54 2.36 11.33
N GLY A 468 21.71 1.64 12.07
CA GLY A 468 21.10 2.23 13.25
C GLY A 468 20.09 1.31 13.89
N LYS A 469 19.48 1.83 14.95
CA LYS A 469 18.47 1.11 15.71
CA LYS A 469 18.47 1.11 15.71
C LYS A 469 17.34 2.07 16.02
N TYR A 470 16.10 1.57 15.95
CA TYR A 470 14.92 2.37 16.18
C TYR A 470 14.23 1.96 17.46
N ASP A 471 13.97 2.94 18.31
CA ASP A 471 13.20 2.75 19.55
C ASP A 471 12.23 3.94 19.56
N HIS A 472 11.01 3.71 19.08
CA HIS A 472 10.13 4.81 18.70
C HIS A 472 10.06 5.86 19.81
N PRO A 473 10.26 7.14 19.50
CA PRO A 473 10.43 7.74 18.17
C PRO A 473 11.87 8.03 17.80
N ASN A 474 12.84 7.37 18.45
CA ASN A 474 14.26 7.71 18.34
C ASN A 474 14.97 6.71 17.43
N TYR A 475 15.58 7.22 16.34
CA TYR A 475 16.48 6.42 15.53
C TYR A 475 17.91 6.82 15.91
N THR A 476 18.67 5.89 16.47
CA THR A 476 20.07 6.13 16.81
C THR A 476 20.91 5.56 15.68
N TYR A 477 21.58 6.44 14.94
CA TYR A 477 22.34 6.00 13.78
C TYR A 477 23.81 5.81 14.14
N SER A 478 24.45 4.93 13.37
CA SER A 478 25.89 4.71 13.42
C SER A 478 26.37 4.67 11.99
N ILE A 479 27.32 5.53 11.65
CA ILE A 479 27.91 5.57 10.32
C ILE A 479 29.36 5.11 10.45
N ASP A 480 29.71 4.05 9.74
CA ASP A 480 31.07 3.54 9.67
C ASP A 480 31.71 4.06 8.38
N ILE A 481 32.84 4.75 8.52
CA ILE A 481 33.56 5.32 7.38
C ILE A 481 34.92 4.65 7.30
N THR A 482 35.18 3.96 6.19
CA THR A 482 36.41 3.21 6.01
C THR A 482 37.23 3.86 4.90
N ASN A 483 38.50 4.13 5.20
CA ASN A 483 39.41 4.77 4.26
C ASN A 483 40.14 3.68 3.49
N TYR A 484 39.79 3.51 2.22
CA TYR A 484 40.45 2.55 1.35
C TYR A 484 41.51 3.19 0.45
N THR A 485 41.83 4.45 0.67
CA THR A 485 42.95 5.08 -0.02
C THR A 485 44.25 4.76 0.70
N ASP A 486 45.37 5.15 0.09
CA ASP A 486 46.70 4.89 0.64
C ASP A 486 47.25 6.05 1.45
N LYS A 487 46.42 7.02 1.79
CA LYS A 487 46.83 8.15 2.62
C LYS A 487 45.81 8.37 3.73
N GLU A 488 46.28 8.95 4.82
CA GLU A 488 45.40 9.33 5.92
C GLU A 488 44.46 10.44 5.46
N ILE A 489 43.19 10.31 5.85
CA ILE A 489 42.23 11.39 5.66
C ILE A 489 42.19 12.21 6.94
N LYS A 490 42.53 13.49 6.84
CA LYS A 490 42.66 14.32 8.01
C LYS A 490 41.29 14.58 8.64
N GLY A 491 41.30 14.76 9.96
CA GLY A 491 40.11 15.22 10.66
C GLY A 491 39.58 16.49 10.04
N GLY A 492 38.29 16.75 10.21
CA GLY A 492 37.64 17.83 9.52
C GLY A 492 36.95 17.43 8.24
N TRP A 493 37.08 16.17 7.84
CA TRP A 493 36.28 15.65 6.73
C TRP A 493 34.80 15.78 7.06
N ASN A 494 33.97 15.76 6.01
CA ASN A 494 32.54 15.78 6.18
C ASN A 494 31.90 14.68 5.35
N VAL A 495 30.80 14.14 5.86
CA VAL A 495 29.95 13.21 5.13
C VAL A 495 28.56 13.84 5.06
N SER A 496 27.89 13.67 3.93
CA SER A 496 26.52 14.14 3.80
C SER A 496 25.63 13.00 3.35
N PHE A 497 24.35 13.11 3.68
CA PHE A 497 23.36 12.15 3.23
C PHE A 497 22.02 12.84 3.20
N ASP A 498 21.12 12.32 2.37
CA ASP A 498 19.78 12.86 2.24
C ASP A 498 18.81 12.01 3.06
N LEU A 499 18.16 12.65 4.02
CA LEU A 499 17.27 12.01 4.97
C LEU A 499 15.83 12.33 4.59
N PRO A 500 15.00 11.32 4.29
CA PRO A 500 13.60 11.61 3.95
C PRO A 500 12.91 12.46 4.99
N LYS A 501 11.99 13.31 4.51
CA LYS A 501 11.23 14.20 5.37
C LYS A 501 10.11 13.49 6.15
N SER A 502 10.11 12.16 6.17
CA SER A 502 9.33 11.44 7.18
C SER A 502 9.99 11.52 8.55
N ALA A 503 11.23 11.98 8.62
CA ALA A 503 12.01 12.01 9.84
C ALA A 503 12.69 13.38 9.98
N VAL A 504 13.16 13.67 11.20
CA VAL A 504 13.78 14.95 11.52
C VAL A 504 15.12 14.68 12.18
N PHE A 505 16.19 15.20 11.59
CA PHE A 505 17.50 15.07 12.22
C PHE A 505 17.52 15.84 13.54
N LYS A 506 18.03 15.21 14.60
CA LYS A 506 18.01 15.80 15.93
C LYS A 506 19.39 16.22 16.44
N SER A 507 20.40 15.36 16.35
CA SER A 507 21.70 15.71 16.88
C SER A 507 22.78 14.78 16.33
N SER A 508 23.97 15.34 16.17
CA SER A 508 25.17 14.56 15.91
C SER A 508 25.98 14.49 17.19
N TRP A 509 26.53 13.32 17.48
CA TRP A 509 27.23 13.11 18.75
C TRP A 509 28.75 13.18 18.51
N GLY A 510 29.19 14.41 18.24
CA GLY A 510 30.57 14.68 17.89
C GLY A 510 30.66 15.54 16.64
N GLY A 511 31.49 16.58 16.66
CA GLY A 511 31.58 17.46 15.51
C GLY A 511 30.42 18.45 15.46
N THR A 512 30.07 18.85 14.24
CA THR A 512 29.01 19.80 14.00
C THR A 512 28.20 19.31 12.80
N TYR A 513 27.06 19.93 12.57
CA TYR A 513 26.20 19.50 11.48
C TYR A 513 25.41 20.67 10.92
N SER A 514 24.91 20.50 9.70
CA SER A 514 23.98 21.44 9.09
C SER A 514 22.87 20.65 8.42
N VAL A 515 21.73 21.31 8.23
CA VAL A 515 20.55 20.73 7.62
C VAL A 515 20.11 21.65 6.50
N THR A 516 20.00 21.12 5.29
CA THR A 516 19.66 21.91 4.11
C THR A 516 18.46 21.27 3.40
N ASP A 517 17.43 22.08 3.15
CA ASP A 517 16.25 21.57 2.46
C ASP A 517 16.61 21.07 1.07
N ASN A 518 16.13 19.89 0.73
CA ASN A 518 16.44 19.29 -0.57
C ASN A 518 15.24 18.47 -1.06
N GLY A 519 14.15 19.15 -1.37
CA GLY A 519 12.99 18.49 -1.93
C GLY A 519 12.24 17.64 -0.94
N ASP A 520 12.14 16.34 -1.24
CA ASP A 520 11.53 15.39 -0.32
C ASP A 520 12.48 14.97 0.79
N PHE A 521 13.67 15.56 0.85
CA PHE A 521 14.71 15.22 1.81
C PHE A 521 15.26 16.48 2.44
N ASN A 522 15.92 16.30 3.57
CA ASN A 522 16.86 17.28 4.09
C ASN A 522 18.26 16.69 3.92
N THR A 523 19.18 17.49 3.38
CA THR A 523 20.57 17.08 3.29
C THR A 523 21.23 17.35 4.64
N ILE A 524 21.77 16.30 5.25
CA ILE A 524 22.45 16.37 6.53
C ILE A 524 23.94 16.33 6.23
N THR A 525 24.68 17.33 6.70
CA THR A 525 26.12 17.39 6.50
C THR A 525 26.77 17.32 7.88
N LEU A 526 27.57 16.27 8.09
CA LEU A 526 28.25 16.05 9.36
C LEU A 526 29.73 16.38 9.14
N THR A 527 30.22 17.37 9.87
CA THR A 527 31.62 17.78 9.79
C THR A 527 32.34 17.30 11.05
N SER A 528 33.36 16.48 10.86
CA SER A 528 34.10 15.89 11.96
C SER A 528 35.07 16.90 12.57
N GLY A 529 35.65 16.52 13.71
CA GLY A 529 36.68 17.31 14.34
C GLY A 529 38.07 16.97 13.82
N ALA A 530 39.02 17.87 14.11
CA ALA A 530 40.38 17.68 13.60
C ALA A 530 41.00 16.39 14.09
N TRP A 531 40.56 15.87 15.24
CA TRP A 531 41.14 14.68 15.83
C TRP A 531 40.66 13.38 15.18
N GLN A 532 39.60 13.42 14.37
CA GLN A 532 39.02 12.20 13.81
C GLN A 532 39.70 11.80 12.50
N ASN A 533 41.03 11.71 12.52
CA ASN A 533 41.75 11.25 11.35
C ASN A 533 41.41 9.79 11.06
N ILE A 534 41.42 9.44 9.78
CA ILE A 534 41.10 8.09 9.34
C ILE A 534 42.36 7.53 8.68
N ALA A 535 43.02 6.59 9.36
CA ALA A 535 44.22 5.98 8.83
C ALA A 535 43.87 5.11 7.63
N PRO A 536 44.84 4.87 6.74
CA PRO A 536 44.59 3.95 5.63
C PRO A 536 44.11 2.59 6.13
N ASN A 537 43.11 2.05 5.45
CA ASN A 537 42.60 0.71 5.74
C ASN A 537 41.96 0.61 7.13
N SER A 538 41.55 1.73 7.71
CA SER A 538 40.91 1.75 9.01
C SER A 538 39.50 2.31 8.89
N THR A 539 38.72 2.10 9.95
CA THR A 539 37.33 2.55 10.00
C THR A 539 37.13 3.44 11.21
N ILE A 540 36.36 4.50 11.01
CA ILE A 540 35.90 5.37 12.09
C ILE A 540 34.38 5.34 12.10
N THR A 541 33.80 5.52 13.28
CA THR A 541 32.35 5.47 13.44
C THR A 541 31.87 6.74 14.13
N VAL A 542 30.78 7.30 13.61
CA VAL A 542 30.13 8.46 14.21
C VAL A 542 28.66 8.11 14.42
N GLN A 543 28.06 8.74 15.43
CA GLN A 543 26.71 8.42 15.84
C GLN A 543 25.90 9.69 16.06
N GLY A 544 24.59 9.51 16.17
CA GLY A 544 23.70 10.62 16.46
C GLY A 544 22.27 10.13 16.49
N MET A 545 21.34 11.09 16.47
CA MET A 545 19.93 10.79 16.67
C MET A 545 19.05 11.47 15.63
N ILE A 546 18.08 10.71 15.15
CA ILE A 546 17.05 11.17 14.22
C ILE A 546 15.70 10.85 14.85
N GLY A 547 14.72 11.73 14.64
CA GLY A 547 13.37 11.50 15.12
C GLY A 547 12.49 10.94 14.01
N LEU A 548 11.74 9.88 14.37
CA LEU A 548 10.90 9.12 13.44
C LEU A 548 11.74 8.30 12.46
N CYS A 549 11.07 7.54 11.60
CA CYS A 549 11.73 6.56 10.76
C CYS A 549 11.64 6.97 9.28
N PHE A 550 12.36 6.22 8.46
CA PHE A 550 12.58 6.54 7.06
C PHE A 550 12.99 5.26 6.34
N SER A 551 12.67 5.15 5.05
CA SER A 551 12.91 3.86 4.39
C SER A 551 14.38 3.60 4.18
N GLY A 552 15.17 4.65 4.05
CA GLY A 552 16.60 4.57 3.78
C GLY A 552 17.10 5.98 3.54
N ILE A 553 18.42 6.09 3.38
CA ILE A 553 19.04 7.37 3.05
C ILE A 553 19.59 7.30 1.63
N ARG A 554 19.84 8.47 1.04
CA ARG A 554 20.28 8.55 -0.33
C ARG A 554 21.42 9.55 -0.48
N ASN A 555 22.03 9.55 -1.67
CA ASN A 555 22.87 10.65 -2.12
C ASN A 555 24.00 10.93 -1.13
N VAL A 556 24.69 9.87 -0.73
CA VAL A 556 25.76 9.98 0.26
C VAL A 556 27.01 10.52 -0.42
N THR A 557 27.63 11.52 0.21
CA THR A 557 28.87 12.11 -0.29
C THR A 557 29.88 12.17 0.84
N PHE A 558 31.15 12.31 0.46
CA PHE A 558 32.24 12.39 1.42
C PHE A 558 33.25 13.38 0.87
N ASN A 559 33.49 14.46 1.61
CA ASN A 559 34.42 15.51 1.19
C ASN A 559 34.10 15.99 -0.23
N GLY A 560 32.81 16.08 -0.54
CA GLY A 560 32.40 16.55 -1.84
C GLY A 560 32.59 15.57 -2.98
N MET A 561 32.83 14.30 -2.68
CA MET A 561 33.08 13.27 -3.67
C MET A 561 32.13 12.10 -3.46
N ASN A 562 32.14 11.19 -4.42
CA ASN A 562 31.28 10.01 -4.39
C ASN A 562 32.04 8.87 -3.70
N PRO A 563 31.62 8.43 -2.50
CA PRO A 563 32.37 7.36 -1.82
C PRO A 563 32.08 6.00 -2.42
N ILE A 564 33.02 5.48 -3.21
CA ILE A 564 32.83 4.22 -3.92
C ILE A 564 33.49 3.04 -3.21
N GLY A 565 33.93 3.24 -1.97
CA GLY A 565 34.44 2.11 -1.21
C GLY A 565 35.73 1.56 -1.79
N ASN A 566 35.84 0.23 -1.80
CA ASN A 566 37.01 -0.45 -2.30
C ASN A 566 36.70 -1.10 -3.65
C1 NAG B . -1.71 -0.77 17.51
C1 NAG B . 3.33 3.45 20.66
C2 NAG B . -3.06 -1.43 17.34
C2 NAG B . 2.56 2.12 20.64
C3 NAG B . -3.37 -1.52 15.86
C3 NAG B . 1.86 1.90 19.29
C4 NAG B . -3.28 -0.15 15.22
C4 NAG B . 1.11 3.14 18.84
C5 NAG B . -2.10 0.71 15.70
C5 NAG B . 2.00 4.37 18.95
C6 NAG B . -2.36 2.18 15.47
C6 NAG B . 1.28 5.65 18.59
C7 NAG B . -4.27 -3.28 18.37
C7 NAG B . 3.48 0.33 22.07
C8 NAG B . -4.18 -4.63 19.02
C8 NAG B . 4.49 -0.78 22.15
N2 NAG B . -3.12 -2.74 17.97
N2 NAG B . 3.46 1.01 20.92
O1 NAG B . -1.26 -0.88 18.81
O1 NAG B . 3.83 3.67 21.93
O3 NAG B . -4.69 -2.05 15.71
O3 NAG B . 0.96 0.81 19.43
O4 NAG B . -3.01 -0.28 13.82
O4 NAG B . 0.79 2.99 17.46
O5 NAG B . -1.81 0.56 17.10
O5 NAG B . 2.46 4.50 20.29
O6 NAG B . -1.21 2.98 15.72
O6 NAG B . 2.20 6.69 18.30
O7 NAG B . -5.34 -2.70 18.22
O7 NAG B . 2.73 0.60 23.00
H1 NAG B . -1.06 -1.24 16.94
H1 NAG B . 4.07 3.38 20.02
H2 NAG B . -3.72 -0.88 17.78
H2 NAG B . 1.87 2.16 21.33
H3 NAG B . -2.73 -2.12 15.42
H3 NAG B . 2.54 1.69 18.63
H4 NAG B . -4.13 0.28 15.44
H4 NAG B . 0.32 3.24 19.39
H5 NAG B . -1.30 0.41 15.23
H5 NAG B . 2.77 4.27 18.34
H61 NAG B . -3.08 2.48 16.05
H61 NAG B . 0.72 5.92 19.34
H62 NAG B . -2.63 2.32 14.54
H62 NAG B . 0.71 5.49 17.82
H81 NAG B . -3.39 -4.68 19.58
H81 NAG B . 4.61 -1.17 21.26
H82 NAG B . -4.13 -5.32 18.32
H82 NAG B . 4.17 -1.46 22.77
H83 NAG B . -4.98 -4.78 19.56
H83 NAG B . 5.34 -0.42 22.47
HN2 NAG B . -2.34 -3.20 18.09
HN2 NAG B . 4.04 0.77 20.26
HO1 NAG B . -0.37 -0.98 18.79
HO1 NAG B . 3.30 3.28 22.53
HO3 NAG B . -4.78 -2.41 14.90
HO3 NAG B . 0.85 0.42 18.64
HO6 NAG B . -1.36 3.81 15.43
HO6 NAG B . 2.58 6.98 19.05
C1 NAG B . -4.13 -0.50 12.99
C1 NAG B . -0.53 2.46 17.27
C2 NAG B . -3.59 -0.25 11.57
C2 NAG B . -0.97 2.88 15.86
C3 NAG B . -4.54 -0.79 10.49
C3 NAG B . -2.34 2.28 15.54
C4 NAG B . -5.08 -2.17 10.83
C4 NAG B . -2.29 0.77 15.73
C5 NAG B . -5.66 -2.11 12.23
C5 NAG B . -1.80 0.45 17.14
C6 NAG B . -6.30 -3.40 12.69
C6 NAG B . -1.62 -1.02 17.40
C7 NAG B . -2.20 1.80 11.55
C7 NAG B . 0.00 5.04 15.23
C8 NAG B . -2.21 3.27 11.23
C8 NAG B . -0.17 6.53 15.22
N2 NAG B . -3.36 1.18 11.35
N2 NAG B . -1.01 4.32 15.75
O3 NAG B . -3.80 -0.81 9.27
O3 NAG B . -2.71 2.61 14.22
O4 NAG B . -6.12 -2.54 9.94
O4 NAG B . -3.59 0.21 15.59
O5 NAG B . -4.59 -1.81 13.12
O5 NAG B . -0.52 1.06 17.36
O6 NAG B . -6.56 -3.37 14.09
O6 NAG B . -1.23 -1.28 18.75
O7 NAG B . -1.20 1.23 11.96
O7 NAG B . 1.01 4.50 14.79
H1 NAG B . -4.89 0.08 13.20
H1 NAG B . -1.16 2.83 17.93
H2 NAG B . -2.76 -0.74 11.50
H2 NAG B . -0.34 2.53 15.20
H3 NAG B . -5.32 -0.21 10.40
H3 NAG B . -3.01 2.65 16.16
H4 NAG B . -4.36 -2.82 10.77
H4 NAG B . -1.69 0.38 15.07
H5 NAG B . -6.37 -1.44 12.28
H5 NAG B . -2.44 0.82 17.78
H61 NAG B . -7.13 -3.54 12.22
H61 NAG B . -2.46 -1.48 17.22
H62 NAG B . -5.68 -4.15 12.50
H62 NAG B . -0.93 -1.37 16.80
H81 NAG B . -2.97 3.69 11.67
H81 NAG B . 0.41 6.93 15.90
H82 NAG B . -2.27 3.40 10.26
H82 NAG B . 0.07 6.88 14.35
H83 NAG B . -1.39 3.68 11.56
H83 NAG B . -1.10 6.75 15.42
HN2 NAG B . -4.07 1.67 11.05
HN2 NAG B . -1.74 4.77 16.05
HO3 NAG B . -3.78 -1.64 8.97
HO3 NAG B . -3.42 2.14 14.00
HO6 NAG B . -7.12 -4.04 14.31
HO6 NAG B . -0.58 -1.89 18.75
C1 NAG B . -5.68 -3.41 8.90
C1 NAG B . -3.70 -0.77 14.55
C2 NAG B . -6.95 -4.10 8.38
C2 NAG B . -4.88 -1.68 14.90
C3 NAG B . -6.67 -4.89 7.10
C3 NAG B . -5.20 -2.63 13.74
C4 NAG B . -5.92 -4.04 6.07
C4 NAG B . -5.27 -1.90 12.41
C5 NAG B . -4.67 -3.45 6.72
C5 NAG B . -4.05 -1.01 12.21
C6 NAG B . -3.90 -2.55 5.78
C6 NAG B . -4.11 -0.19 10.95
C7 NAG B . -8.47 -4.74 10.28
C7 NAG B . -5.03 -2.13 17.34
C8 NAG B . -9.07 -3.36 10.21
C8 NAG B . -4.65 -3.08 18.42
N2 NAG B . -7.49 -5.01 9.40
N2 NAG B . -4.60 -2.45 16.10
O3 NAG B . -7.91 -5.31 6.53
O3 NAG B . -6.44 -3.27 13.97
O4 NAG B . -5.50 -4.90 5.01
O4 NAG B . -5.23 -2.85 11.36
O5 NAG B . -5.06 -2.65 7.84
O5 NAG B . -3.94 -0.11 13.32
O6 NAG B . -2.79 -1.92 6.41
O6 NAG B . -3.05 0.76 10.87
O7 NAG B . -8.84 -5.57 11.09
O7 NAG B . -5.68 -1.11 17.56
H1 NAG B . -5.02 -4.07 9.20
H1 NAG B . -2.90 -1.33 14.49
H2 NAG B . -7.61 -3.42 8.18
H2 NAG B . -5.66 -1.11 15.04
H3 NAG B . -6.12 -5.65 7.33
H3 NAG B . -4.48 -3.28 13.70
H4 NAG B . -6.48 -3.32 5.74
H4 NAG B . -6.08 -1.35 12.39
H5 NAG B . -4.08 -4.16 7.02
H5 NAG B . -3.24 -1.56 12.18
H61 NAG B . -3.56 -3.08 5.04
H61 NAG B . -4.05 -0.79 10.19
H62 NAG B . -4.50 -1.85 5.43
H62 NAG B . -4.96 0.29 10.92
H81 NAG B . -9.96 -3.41 9.82
H81 NAG B . -3.67 -3.08 18.53
H82 NAG B . -8.50 -2.78 9.67
H82 NAG B . -4.95 -3.98 18.19
H83 NAG B . -9.14 -2.99 11.12
H83 NAG B . -5.06 -2.81 19.26
HN2 NAG B . -7.11 -5.84 9.44
HN2 NAG B . -4.11 -3.21 16.01
HO3 NAG B . -8.34 -4.61 6.18
HO3 NAG B . -6.49 -3.99 13.45
HO6 NAG B . -2.39 -1.39 5.84
HO6 NAG B . -2.93 1.00 10.02
C1 NAG B . -5.52 -4.37 3.68
C1 NAG B . -6.51 -3.18 10.80
C2 NAG B . -5.56 -5.64 2.74
C2 NAG B . -6.27 -3.82 9.44
C3 NAG B . -6.98 -6.16 2.49
C3 NAG B . -7.59 -4.31 8.84
C4 NAG B . -7.99 -5.39 3.33
C4 NAG B . -8.42 -5.11 9.84
C5 NAG B . -7.87 -3.92 2.97
C5 NAG B . -8.46 -4.44 11.21
C6 NAG B . -8.86 -3.06 3.70
C6 NAG B . -9.05 -5.36 12.26
C7 NAG B . -4.98 -4.41 0.67
C7 NAG B . -4.39 -2.96 8.08
C8 NAG B . -4.14 -4.42 -0.57
C8 NAG B . -3.98 -1.93 7.07
N2 NAG B . -4.85 -5.46 1.48
N2 NAG B . -5.66 -2.88 8.51
O3 NAG B . -7.00 -7.54 2.85
O3 NAG B . -7.28 -5.10 7.70
O4 NAG B . -9.32 -5.78 2.98
O4 NAG B . -9.77 -5.17 9.38
O5 NAG B . -6.57 -3.44 3.31
O5 NAG B . -7.14 -4.10 11.64
O6 NAG B . -8.74 -3.20 5.11
O6 NAG B . -9.17 -4.73 13.53
O7 NAG B . -5.72 -3.47 0.92
O7 NAG B . -3.61 -3.80 8.51
H1 NAG B . -4.71 -3.84 3.55
H1 NAG B . -7.07 -2.39 10.67
H2 NAG B . -5.09 -6.34 3.23
H2 NAG B . -5.68 -4.58 9.57
H3 NAG B . -7.22 -6.03 1.56
H3 NAG B . -8.14 -3.54 8.59
H4 NAG B . -7.84 -5.55 4.27
H4 NAG B . -8.01 -5.99 9.92
H5 NAG B . -7.99 -3.83 2.00
H5 NAG B . -9.00 -3.62 11.15
H61 NAG B . -9.77 -3.30 3.42
H61 NAG B . -8.46 -6.14 12.35
H62 NAG B . -8.71 -2.12 3.46
H62 NAG B . -9.93 -5.66 11.96
H81 NAG B . -4.46 -5.12 -1.17
H81 NAG B . -4.74 -1.37 6.85
H82 NAG B . -4.19 -3.56 -1.01
H82 NAG B . -3.67 -2.38 6.26
H83 NAG B . -3.21 -4.62 -0.34
H83 NAG B . -3.26 -1.39 7.43
HN2 NAG B . -4.27 -6.12 1.22
HN2 NAG B . -6.16 -2.20 8.20
HO3 NAG B . -7.69 -7.94 2.45
HO3 NAG B . -7.64 -5.91 7.78
HO6 NAG B . -9.53 -3.01 5.47
HO6 NAG B . -9.00 -5.33 14.16
C1 NAG B . -9.88 -6.83 3.78
C1 NAG B . -10.10 -6.26 8.52
C2 NAG B . -11.40 -6.68 3.77
C2 NAG B . -11.62 -6.37 8.58
C3 NAG B . -12.06 -7.85 4.49
C3 NAG B . -12.12 -7.43 7.62
C4 NAG B . -11.55 -9.18 3.94
C4 NAG B . -11.60 -7.15 6.22
C5 NAG B . -10.02 -9.19 4.02
C5 NAG B . -10.09 -7.05 6.26
C6 NAG B . -9.40 -10.45 3.46
C6 NAG B . -9.50 -6.68 4.92
C7 NAG B . -12.43 -4.44 3.74
C7 NAG B . -12.55 -5.71 10.76
C8 NAG B . -12.74 -3.22 4.54
C8 NAG B . -12.98 -6.19 12.11
N2 NAG B . -11.79 -5.43 4.39
N2 NAG B . -12.07 -6.65 9.94
O3 NAG B . -13.48 -7.78 4.31
O3 NAG B . -13.55 -7.43 7.62
O4 NAG B . -12.06 -10.27 4.68
O4 NAG B . -12.00 -8.20 5.34
O5 NAG B . -9.51 -8.09 3.25
O5 NAG B . -9.70 -6.03 7.19
O6 NAG B . -7.98 -10.37 3.51
O6 NAG B . -8.18 -6.17 5.03
O7 NAG B . -12.75 -4.55 2.57
O7 NAG B . -12.60 -4.52 10.44
H1 NAG B . -9.56 -6.77 4.71
H1 NAG B . -9.67 -7.09 8.80
H2 NAG B . -11.70 -6.69 2.84
H2 NAG B . -11.99 -5.50 8.31
H3 NAG B . -11.86 -7.80 5.43
H3 NAG B . -11.81 -8.30 7.92
H4 NAG B . -11.83 -9.28 3.01
H4 NAG B . -11.97 -6.31 5.89
H5 NAG B . -9.74 -9.10 4.95
H5 NAG B . -9.70 -7.90 6.55
H61 NAG B . -9.70 -11.22 3.98
H61 NAG B . -10.07 -5.99 4.51
H62 NAG B . -9.68 -10.56 2.53
H62 NAG B . -9.49 -7.47 4.34
H81 NAG B . -11.93 -2.90 4.97
H81 NAG B . -12.20 -6.48 12.62
H82 NAG B . -13.41 -3.43 5.22
H82 NAG B . -13.60 -6.94 12.00
H83 NAG B . -13.09 -2.53 3.95
H83 NAG B . -13.43 -5.48 12.59
HN2 NAG B . -11.58 -5.29 5.26
HN2 NAG B . -12.04 -7.50 10.23
HO3 NAG B . -13.79 -8.59 4.14
HO3 NAG B . -13.84 -7.92 6.94
HO4 NAG B . -12.01 -11.01 4.20
HO4 NAG B . -11.86 -7.94 4.50
HO6 NAG B . -7.64 -11.18 3.36
HO6 NAG B . -7.61 -6.74 4.65
S DMS C . 15.44 1.54 8.67
O DMS C . 14.49 2.07 9.70
C1 DMS C . 14.45 1.27 7.18
C2 DMS C . 16.51 2.87 8.05
H11 DMS C . 13.93 0.35 7.26
H12 DMS C . 15.10 1.22 6.33
H13 DMS C . 13.76 2.06 7.05
H21 DMS C . 17.17 3.18 8.82
H22 DMS C . 15.92 3.69 7.74
H23 DMS C . 17.08 2.51 7.23
#